data_1RHI
#
_entry.id   1RHI
#
_cell.length_a   397.900
_cell.length_b   341.800
_cell.length_c   301.700
_cell.angle_alpha   90.00
_cell.angle_beta   90.00
_cell.angle_gamma   90.00
#
_symmetry.space_group_name_H-M   'P 21 2 21'
#
loop_
_entity.id
_entity.type
_entity.pdbx_description
1 polymer 'HUMAN RHINOVIRUS 3 COAT PROTEIN'
2 polymer 'HUMAN RHINOVIRUS 3 COAT PROTEIN'
3 polymer 'HUMAN RHINOVIRUS 3 COAT PROTEIN'
4 polymer 'HUMAN RHINOVIRUS 3 COAT PROTEIN'
5 non-polymer 'CALCIUM ION'
#
loop_
_entity_poly.entity_id
_entity_poly.type
_entity_poly.pdbx_seq_one_letter_code
_entity_poly.pdbx_strand_id
1 'polypeptide(L)'
;GLSDELEEVIVEKTKQTLASVSSGPKHTQSVPALTANETGATLPTRPSDNVETRTTYMHFNGSETDVESFLGRAACVHVT
EIKNKNAAGLDNHRKEGLFNDWKINLSSLVQLRKKLELFTYVRFDSEYTILATASQPEASSYSSNLTVQAMYVPPGAPNP
KEWDDYTWQSASNPSVFFKVGETSRFSVPFVGIASAYNCFYDGYSHDDPDTPYGITVLNHMGSMAFRVVNEHDVHTTIVK
IRVYHRAKHVEAWIPRAPRALPYVSIGRTNYPRDSKTIVKKRTNIKTY
;
1
2 'polypeptide(L)'
;SPNVEACGYSDRVQQITLGNSTITTQEARNAIVCYAEWPEYLSDNDASDVNKTSKPDISVCRFYTLDSKTWKATSKGWCW
KLPDALKDMGVFGQNMFYHSLGRTGYTIHVQCNATKFHSGCLLVVVIPEHQLASHEGGTVSVKYKYTHPGDRGIDLDTVE
VAGGPTSDAIYNMDGTLLGNLLIFPHQFINMRTNNTATIVVPYINSVPIDSMTRHNNVSLMVVPIAPLNAPTGSSPTLPV
TVTIAPMCTEFTGIRSRSIVPQ
;
2
3 'polypeptide(L)'
;GLPTTTLPGSGQFLTTDDRQSPSALPSYEPTPRIHIPGKVRNLLEIIQVGTLIPMNNTGTNDNVTNYLIPLHADRQNEQI
FGTKLYIGDGVFKTTLLGEIAQYYTHWSGSLRISLMYTGPALSSAKIILAYTPPGTRGPEDKKEAMLGTHVVWDIGLQST
IVMTIPWTSGVQFRYTDPDTYTSAGYLSCWYLTSLILPPQTSGQVYLLSFISACPDFKLRLMKDTQTISQTDALTE
;
3
4 'polypeptide(L)' GAQVSTQKSGSHENQNILTNGSNQTYTVINYYKDAASSSSAGQSFSMDPSKFTEPVKDLMLKGAPALN 4
#
# COMPACT_ATOMS: atom_id res chain seq x y z
N GLN A 16 0.11 -31.19 -11.07
CA GLN A 16 0.98 -30.38 -11.89
C GLN A 16 0.27 -29.27 -12.64
N THR A 17 0.78 -28.10 -12.36
CA THR A 17 0.43 -26.85 -13.02
C THR A 17 1.66 -26.47 -13.80
N LEU A 18 1.46 -25.88 -14.95
CA LEU A 18 2.60 -25.53 -15.81
C LEU A 18 3.18 -24.18 -15.46
N ALA A 19 4.48 -24.15 -15.33
CA ALA A 19 5.22 -22.91 -15.08
C ALA A 19 5.54 -22.30 -16.44
N SER A 20 5.82 -23.16 -17.41
CA SER A 20 6.12 -22.72 -18.77
C SER A 20 5.78 -23.83 -19.74
N VAL A 21 5.34 -23.45 -20.91
CA VAL A 21 4.98 -24.36 -21.99
C VAL A 21 6.05 -24.33 -23.07
N SER A 22 6.06 -25.35 -23.90
CA SER A 22 7.00 -25.42 -25.00
C SER A 22 6.49 -24.37 -25.99
N SER A 23 7.40 -23.54 -26.49
CA SER A 23 7.03 -22.49 -27.44
C SER A 23 8.14 -22.30 -28.47
N GLY A 24 7.79 -22.26 -29.76
CA GLY A 24 8.76 -22.11 -30.83
C GLY A 24 8.91 -20.74 -31.46
N PRO A 25 9.51 -20.63 -32.66
CA PRO A 25 9.70 -19.35 -33.35
C PRO A 25 8.39 -18.71 -33.70
N LYS A 26 8.45 -17.42 -33.99
CA LYS A 26 7.29 -16.61 -34.36
C LYS A 26 7.64 -15.59 -35.45
N HIS A 27 6.57 -15.16 -36.08
CA HIS A 27 6.56 -14.15 -37.14
C HIS A 27 5.12 -13.77 -37.37
N THR A 28 4.52 -13.21 -36.36
CA THR A 28 3.10 -12.90 -36.40
C THR A 28 2.82 -11.41 -36.39
N GLN A 29 1.55 -11.16 -36.52
CA GLN A 29 0.97 -9.83 -36.48
C GLN A 29 0.48 -9.58 -35.06
N SER A 30 0.47 -10.67 -34.32
CA SER A 30 0.12 -10.68 -32.91
C SER A 30 1.40 -10.40 -32.13
N VAL A 31 1.54 -9.15 -31.70
CA VAL A 31 2.71 -8.67 -30.99
C VAL A 31 2.50 -8.47 -29.48
N PRO A 32 2.66 -9.54 -28.67
CA PRO A 32 2.46 -9.38 -27.21
C PRO A 32 3.53 -8.55 -26.51
N ALA A 33 4.63 -8.26 -27.20
CA ALA A 33 5.73 -7.50 -26.61
C ALA A 33 5.42 -6.01 -26.53
N LEU A 34 4.37 -5.58 -27.21
CA LEU A 34 3.99 -4.18 -27.24
C LEU A 34 2.69 -3.94 -26.53
N THR A 35 2.66 -2.90 -25.69
CA THR A 35 1.43 -2.60 -25.00
C THR A 35 1.32 -1.08 -24.74
N ALA A 36 0.45 -0.74 -23.82
CA ALA A 36 0.17 0.67 -23.48
C ALA A 36 -0.08 0.82 -21.98
N ASN A 37 0.97 1.14 -21.28
CA ASN A 37 0.91 1.29 -19.82
C ASN A 37 0.08 2.50 -19.43
N GLU A 38 -0.32 3.29 -20.43
CA GLU A 38 -1.15 4.45 -20.17
C GLU A 38 -2.50 4.01 -19.62
N THR A 39 -2.93 2.83 -20.03
CA THR A 39 -4.21 2.26 -19.63
C THR A 39 -4.30 1.97 -18.13
N GLY A 40 -3.16 1.75 -17.50
CA GLY A 40 -3.14 1.45 -16.08
C GLY A 40 -3.12 -0.03 -15.81
N ALA A 41 -3.04 -0.84 -16.87
CA ALA A 41 -3.01 -2.29 -16.72
C ALA A 41 -1.63 -2.90 -16.89
N THR A 42 -1.48 -4.13 -16.37
CA THR A 42 -0.24 -4.89 -16.45
C THR A 42 -0.66 -6.26 -16.98
N LEU A 43 -0.48 -6.47 -18.28
CA LEU A 43 -0.88 -7.73 -18.87
C LEU A 43 0.07 -8.85 -18.53
N PRO A 44 -0.48 -10.02 -18.17
CA PRO A 44 0.29 -11.20 -17.79
C PRO A 44 1.10 -11.81 -18.92
N THR A 45 2.18 -11.14 -19.31
CA THR A 45 3.01 -11.73 -20.35
C THR A 45 3.84 -12.79 -19.67
N ARG A 46 4.28 -13.76 -20.47
CA ARG A 46 5.09 -14.86 -19.98
C ARG A 46 6.31 -14.92 -20.87
N PRO A 47 7.42 -15.48 -20.37
CA PRO A 47 8.62 -15.56 -21.19
C PRO A 47 8.43 -16.16 -22.58
N SER A 48 7.41 -16.97 -22.76
CA SER A 48 7.13 -17.60 -24.06
C SER A 48 6.53 -16.60 -25.05
N ASP A 49 6.40 -15.34 -24.63
CA ASP A 49 5.86 -14.33 -25.51
C ASP A 49 7.00 -13.65 -26.20
N ASN A 50 8.20 -13.81 -25.65
CA ASN A 50 9.35 -13.18 -26.24
C ASN A 50 10.58 -14.09 -26.38
N VAL A 51 10.42 -15.36 -26.02
CA VAL A 51 11.52 -16.34 -26.06
C VAL A 51 11.01 -17.76 -26.38
N GLU A 52 11.83 -18.58 -27.05
CA GLU A 52 11.42 -19.96 -27.31
C GLU A 52 11.63 -20.70 -25.99
N THR A 53 10.57 -21.33 -25.49
CA THR A 53 10.63 -21.99 -24.19
C THR A 53 10.43 -23.51 -24.16
N ARG A 54 10.62 -24.08 -22.98
CA ARG A 54 10.43 -25.50 -22.75
C ARG A 54 9.36 -25.63 -21.67
N THR A 55 8.73 -26.79 -21.60
CA THR A 55 7.70 -27.07 -20.60
C THR A 55 8.36 -27.32 -19.24
N THR A 56 7.83 -26.69 -18.19
CA THR A 56 8.33 -26.89 -16.83
C THR A 56 7.12 -26.80 -15.88
N TYR A 57 7.27 -27.31 -14.68
CA TYR A 57 6.14 -27.34 -13.72
C TYR A 57 6.34 -26.44 -12.54
N MET A 58 5.24 -25.87 -12.07
CA MET A 58 5.31 -24.98 -10.92
C MET A 58 5.89 -25.67 -9.71
N HIS A 59 5.41 -26.89 -9.42
CA HIS A 59 5.87 -27.64 -8.24
C HIS A 59 5.75 -26.70 -7.03
N PHE A 60 4.74 -25.84 -7.04
CA PHE A 60 4.59 -24.82 -6.00
C PHE A 60 3.16 -24.26 -5.88
N ASN A 61 2.65 -24.12 -4.66
CA ASN A 61 1.30 -23.58 -4.43
C ASN A 61 1.19 -22.15 -3.91
N GLY A 62 2.21 -21.67 -3.23
CA GLY A 62 2.19 -20.30 -2.73
C GLY A 62 1.54 -20.14 -1.36
N SER A 63 1.79 -21.11 -0.48
CA SER A 63 1.23 -21.12 0.87
C SER A 63 1.76 -20.02 1.77
N GLU A 64 3.09 -19.88 1.76
CA GLU A 64 3.76 -18.91 2.61
C GLU A 64 3.50 -17.46 2.31
N THR A 65 2.83 -17.17 1.20
CA THR A 65 2.55 -15.78 0.87
C THR A 65 1.08 -15.41 1.10
N ASP A 66 0.29 -16.36 1.57
CA ASP A 66 -1.13 -16.13 1.89
C ASP A 66 -1.11 -15.12 3.03
N VAL A 67 -2.04 -14.17 3.06
CA VAL A 67 -2.03 -13.18 4.14
C VAL A 67 -2.16 -13.81 5.53
N GLU A 68 -2.79 -14.98 5.60
CA GLU A 68 -2.95 -15.68 6.87
C GLU A 68 -1.54 -15.97 7.37
N SER A 69 -0.68 -16.41 6.45
CA SER A 69 0.72 -16.72 6.74
C SER A 69 1.49 -15.49 7.13
N PHE A 70 1.42 -14.52 6.23
CA PHE A 70 2.12 -13.27 6.36
C PHE A 70 1.90 -12.57 7.69
N LEU A 71 0.69 -12.63 8.23
CA LEU A 71 0.40 -11.97 9.50
C LEU A 71 0.09 -12.98 10.61
N GLY A 72 0.35 -14.24 10.33
CA GLY A 72 -0.01 -15.33 11.24
C GLY A 72 1.06 -15.68 12.29
N ARG A 73 2.12 -14.91 12.41
CA ARG A 73 3.14 -15.23 13.44
C ARG A 73 3.22 -14.15 14.49
N ALA A 74 3.54 -14.55 15.72
CA ALA A 74 3.63 -13.61 16.82
C ALA A 74 4.74 -12.60 16.58
N ALA A 75 4.46 -11.35 16.91
CA ALA A 75 5.42 -10.26 16.78
C ALA A 75 5.29 -9.45 18.06
N CYS A 76 6.41 -8.92 18.55
CA CYS A 76 6.36 -8.11 19.76
C CYS A 76 5.69 -6.79 19.44
N VAL A 77 4.69 -6.43 20.24
CA VAL A 77 3.98 -5.19 20.00
C VAL A 77 4.08 -4.19 21.15
N HIS A 78 4.78 -4.57 22.23
CA HIS A 78 4.94 -3.70 23.38
C HIS A 78 5.80 -4.31 24.48
N VAL A 79 6.57 -3.44 25.10
CA VAL A 79 7.43 -3.76 26.25
C VAL A 79 7.22 -2.70 27.32
N THR A 80 6.90 -3.15 28.50
CA THR A 80 6.67 -2.26 29.63
C THR A 80 7.30 -2.84 30.89
N GLU A 81 7.25 -2.06 31.93
CA GLU A 81 7.88 -2.43 33.18
C GLU A 81 7.03 -2.09 34.38
N ILE A 82 7.13 -2.91 35.42
CA ILE A 82 6.45 -2.68 36.68
C ILE A 82 7.38 -3.13 37.78
N LYS A 83 7.02 -2.81 39.01
CA LYS A 83 7.84 -3.13 40.15
C LYS A 83 7.04 -3.63 41.31
N ASN A 84 7.79 -4.13 42.25
CA ASN A 84 7.25 -4.62 43.50
C ASN A 84 8.11 -4.16 44.65
N LYS A 85 7.71 -3.03 45.18
CA LYS A 85 8.33 -2.46 46.37
C LYS A 85 7.31 -2.38 47.48
N ASN A 86 7.70 -1.58 48.44
CA ASN A 86 6.88 -1.23 49.58
C ASN A 86 6.20 0.08 49.23
N ALA A 87 4.90 -0.01 49.06
CA ALA A 87 4.08 1.11 48.62
C ALA A 87 3.71 2.07 49.75
N ALA A 88 4.31 1.86 50.90
CA ALA A 88 4.03 2.69 52.08
C ALA A 88 4.70 4.06 51.94
N GLY A 89 3.84 5.07 51.93
CA GLY A 89 4.25 6.48 51.87
C GLY A 89 4.27 7.00 50.44
N LEU A 90 4.10 6.10 49.51
CA LEU A 90 4.14 6.43 48.07
C LEU A 90 2.77 6.97 47.68
N ASP A 91 2.76 8.13 47.06
CA ASP A 91 1.51 8.81 46.72
C ASP A 91 1.09 8.61 45.27
N ASN A 92 2.00 8.17 44.43
CA ASN A 92 1.68 7.94 43.02
C ASN A 92 2.21 6.57 42.61
N HIS A 93 1.35 5.59 42.79
CA HIS A 93 1.68 4.19 42.51
C HIS A 93 2.03 4.01 41.06
N ARG A 94 1.42 4.80 40.19
CA ARG A 94 1.70 4.65 38.78
C ARG A 94 3.09 5.13 38.47
N LYS A 95 3.46 6.28 39.03
CA LYS A 95 4.78 6.81 38.79
C LYS A 95 5.84 5.95 39.44
N GLU A 96 5.53 5.45 40.64
CA GLU A 96 6.47 4.60 41.37
C GLU A 96 6.66 3.29 40.65
N GLY A 97 5.76 3.00 39.71
CA GLY A 97 5.84 1.77 38.94
C GLY A 97 5.21 0.55 39.57
N LEU A 98 4.18 0.75 40.39
CA LEU A 98 3.49 -0.36 41.03
C LEU A 98 2.46 -0.99 40.13
N PHE A 99 2.11 -0.29 39.07
CA PHE A 99 1.18 -0.79 38.09
C PHE A 99 1.37 0.07 36.86
N ASN A 100 1.03 -0.49 35.70
CA ASN A 100 1.16 0.26 34.48
C ASN A 100 0.05 -0.05 33.52
N ASP A 101 -0.08 0.82 32.53
CA ASP A 101 -1.07 0.71 31.50
C ASP A 101 -0.43 0.48 30.16
N TRP A 102 -1.30 0.25 29.19
CA TRP A 102 -0.93 0.07 27.82
C TRP A 102 -2.17 0.23 26.96
N LYS A 103 -2.20 1.27 26.18
CA LYS A 103 -3.33 1.49 25.28
C LYS A 103 -3.08 0.73 24.00
N ILE A 104 -3.49 -0.52 24.06
CA ILE A 104 -3.33 -1.46 22.95
C ILE A 104 -3.38 -0.74 21.61
N ASN A 105 -2.29 -0.87 20.92
CA ASN A 105 -2.08 -0.32 19.59
C ASN A 105 -1.04 -1.19 18.90
N LEU A 106 -1.10 -1.30 17.57
CA LEU A 106 -0.14 -2.14 16.86
C LEU A 106 0.78 -1.34 15.95
N SER A 107 1.04 -0.10 16.33
CA SER A 107 1.89 0.73 15.50
C SER A 107 3.03 1.40 16.25
N SER A 108 3.35 0.90 17.43
CA SER A 108 4.42 1.45 18.25
C SER A 108 5.75 0.79 17.91
N LEU A 109 5.69 -0.50 17.64
CA LEU A 109 6.85 -1.25 17.18
C LEU A 109 6.70 -1.35 15.66
N VAL A 110 7.75 -0.98 14.97
CA VAL A 110 7.72 -0.81 13.51
C VAL A 110 7.75 -2.11 12.66
N GLN A 111 8.39 -3.16 13.11
CA GLN A 111 8.48 -4.40 12.30
C GLN A 111 7.11 -4.86 11.81
N LEU A 112 6.15 -4.97 12.74
CA LEU A 112 4.80 -5.41 12.38
C LEU A 112 3.99 -4.31 11.72
N ARG A 113 4.21 -3.08 12.14
CA ARG A 113 3.48 -1.96 11.60
C ARG A 113 3.61 -1.84 10.08
N LYS A 114 4.82 -2.05 9.57
CA LYS A 114 5.04 -1.96 8.12
C LYS A 114 4.28 -3.09 7.41
N LYS A 115 4.19 -4.26 8.05
CA LYS A 115 3.48 -5.41 7.49
C LYS A 115 1.99 -5.14 7.42
N LEU A 116 1.41 -4.70 8.53
CA LEU A 116 -0.02 -4.41 8.57
C LEU A 116 -0.42 -3.37 7.54
N GLU A 117 0.38 -2.32 7.46
CA GLU A 117 0.13 -1.20 6.58
C GLU A 117 0.27 -1.44 5.09
N LEU A 118 0.57 -2.66 4.73
CA LEU A 118 0.68 -3.01 3.32
C LEU A 118 -0.76 -2.97 2.78
N PHE A 119 -1.73 -3.03 3.70
CA PHE A 119 -3.16 -3.02 3.37
C PHE A 119 -3.89 -1.82 4.04
N THR A 120 -5.07 -1.47 3.54
CA THR A 120 -5.84 -0.34 4.07
C THR A 120 -6.80 -0.66 5.22
N TYR A 121 -7.57 -1.74 5.05
CA TYR A 121 -8.52 -2.22 6.06
C TYR A 121 -8.07 -3.64 6.35
N VAL A 122 -8.14 -4.04 7.61
CA VAL A 122 -7.67 -5.35 8.00
C VAL A 122 -8.58 -5.92 9.12
N ARG A 123 -9.03 -7.18 8.97
CA ARG A 123 -9.91 -7.82 9.94
C ARG A 123 -9.33 -9.14 10.41
N PHE A 124 -9.23 -9.34 11.73
CA PHE A 124 -8.68 -10.59 12.27
C PHE A 124 -8.92 -10.79 13.77
N ASP A 125 -8.60 -12.00 14.23
CA ASP A 125 -8.71 -12.36 15.64
C ASP A 125 -7.30 -12.23 16.19
N SER A 126 -7.18 -11.97 17.48
CA SER A 126 -5.86 -11.83 18.08
C SER A 126 -5.56 -12.91 19.09
N GLU A 127 -4.33 -13.34 19.01
CA GLU A 127 -3.75 -14.33 19.90
C GLU A 127 -2.61 -13.66 20.64
N TYR A 128 -2.90 -13.32 21.88
CA TYR A 128 -1.97 -12.63 22.73
C TYR A 128 -1.19 -13.59 23.63
N THR A 129 0.09 -13.36 23.61
CA THR A 129 1.05 -14.10 24.42
C THR A 129 1.83 -13.08 25.22
N ILE A 130 1.76 -13.22 26.51
CA ILE A 130 2.41 -12.28 27.40
C ILE A 130 3.53 -12.93 28.19
N LEU A 131 4.72 -12.35 28.08
CA LEU A 131 5.90 -12.85 28.79
C LEU A 131 6.28 -11.82 29.85
N ALA A 132 6.59 -12.30 31.04
CA ALA A 132 7.00 -11.46 32.16
C ALA A 132 8.28 -12.02 32.74
N THR A 133 9.38 -11.28 32.63
CA THR A 133 10.66 -11.72 33.17
C THR A 133 11.04 -10.77 34.32
N ALA A 134 11.77 -11.28 35.30
CA ALA A 134 12.16 -10.46 36.46
C ALA A 134 13.65 -10.25 36.58
N SER A 135 13.99 -9.15 37.24
CA SER A 135 15.37 -8.74 37.47
C SER A 135 15.47 -8.02 38.81
N GLN A 136 16.60 -8.21 39.49
CA GLN A 136 16.84 -7.56 40.77
C GLN A 136 18.21 -6.90 40.68
N PRO A 137 18.25 -5.70 40.09
CA PRO A 137 19.48 -4.98 39.84
C PRO A 137 20.32 -4.67 41.06
N GLU A 138 19.75 -4.64 42.26
CA GLU A 138 20.57 -4.34 43.45
C GLU A 138 20.31 -5.28 44.62
N ALA A 139 21.40 -5.49 45.33
CA ALA A 139 21.55 -6.34 46.51
C ALA A 139 20.21 -6.85 47.06
N SER A 140 20.02 -8.14 46.84
CA SER A 140 18.85 -8.91 47.29
C SER A 140 19.31 -10.35 47.57
N SER A 141 18.79 -10.91 48.65
CA SER A 141 19.16 -12.26 49.14
C SER A 141 18.67 -13.37 48.23
N TYR A 142 17.54 -13.16 47.58
CA TYR A 142 17.02 -14.18 46.71
C TYR A 142 16.15 -13.56 45.66
N SER A 143 15.75 -14.39 44.71
CA SER A 143 14.91 -13.95 43.64
C SER A 143 13.47 -14.32 43.97
N SER A 144 12.64 -13.29 44.04
CA SER A 144 11.24 -13.45 44.39
C SER A 144 10.39 -14.11 43.30
N ASN A 145 9.49 -14.99 43.73
CA ASN A 145 8.60 -15.65 42.79
C ASN A 145 7.30 -14.86 42.75
N LEU A 146 7.16 -14.01 41.75
CA LEU A 146 5.98 -13.16 41.64
C LEU A 146 4.86 -13.60 40.72
N THR A 147 3.69 -13.03 41.00
CA THR A 147 2.50 -13.31 40.21
C THR A 147 2.00 -11.99 39.65
N VAL A 148 1.81 -11.95 38.34
CA VAL A 148 1.34 -10.76 37.68
C VAL A 148 -0.12 -10.89 37.31
N GLN A 149 -0.82 -9.77 37.36
CA GLN A 149 -2.21 -9.75 36.97
C GLN A 149 -2.25 -8.84 35.76
N ALA A 150 -2.94 -9.28 34.72
CA ALA A 150 -3.08 -8.49 33.52
C ALA A 150 -4.58 -8.29 33.37
N MET A 151 -5.02 -7.04 33.46
CA MET A 151 -6.44 -6.75 33.33
C MET A 151 -6.79 -6.03 32.04
N TYR A 152 -7.84 -6.52 31.39
CA TYR A 152 -8.35 -5.97 30.14
C TYR A 152 -9.34 -4.87 30.52
N VAL A 153 -8.95 -3.63 30.34
CA VAL A 153 -9.78 -2.48 30.73
C VAL A 153 -10.43 -1.81 29.51
N PRO A 154 -11.67 -2.19 29.19
CA PRO A 154 -12.44 -1.63 28.06
C PRO A 154 -12.71 -0.14 28.29
N PRO A 155 -12.82 0.66 27.22
CA PRO A 155 -13.09 2.07 27.49
C PRO A 155 -14.42 2.30 28.19
N GLY A 156 -14.36 2.96 29.35
CA GLY A 156 -15.56 3.21 30.13
C GLY A 156 -15.47 2.54 31.48
N ALA A 157 -14.68 1.47 31.57
CA ALA A 157 -14.51 0.76 32.83
C ALA A 157 -13.64 1.65 33.70
N PRO A 158 -13.78 1.56 35.04
CA PRO A 158 -12.98 2.39 35.95
C PRO A 158 -11.50 2.02 35.90
N ASN A 159 -10.65 3.05 35.90
CA ASN A 159 -9.21 2.88 35.83
C ASN A 159 -8.56 2.69 37.17
N PRO A 160 -7.58 1.77 37.23
CA PRO A 160 -6.88 1.52 38.50
C PRO A 160 -6.20 2.81 38.91
N LYS A 161 -6.09 3.05 40.21
CA LYS A 161 -5.41 4.23 40.66
C LYS A 161 -4.31 3.83 41.60
N GLU A 162 -4.58 2.78 42.37
CA GLU A 162 -3.56 2.26 43.26
C GLU A 162 -3.36 0.82 42.86
N TRP A 163 -2.22 0.26 43.24
CA TRP A 163 -1.91 -1.10 42.86
C TRP A 163 -2.88 -2.13 43.45
N ASP A 164 -3.64 -1.74 44.44
CA ASP A 164 -4.61 -2.66 45.05
C ASP A 164 -5.93 -1.95 45.30
N ASP A 165 -6.52 -1.57 44.19
CA ASP A 165 -7.80 -0.89 44.14
C ASP A 165 -8.92 -1.90 44.07
N TYR A 166 -10.12 -1.40 44.14
CA TYR A 166 -11.29 -2.23 44.03
C TYR A 166 -11.40 -2.69 42.59
N THR A 167 -10.73 -1.93 41.74
CA THR A 167 -10.71 -2.16 40.30
C THR A 167 -10.09 -3.52 39.97
N TRP A 168 -9.13 -3.96 40.75
CA TRP A 168 -8.47 -5.24 40.49
C TRP A 168 -9.38 -6.41 40.84
N GLN A 169 -10.50 -6.09 41.44
CA GLN A 169 -11.51 -7.12 41.76
C GLN A 169 -11.89 -7.79 40.47
N SER A 170 -11.88 -6.93 39.47
CA SER A 170 -12.16 -7.28 38.08
C SER A 170 -13.32 -8.26 37.93
N ALA A 171 -14.49 -7.86 38.42
CA ALA A 171 -15.66 -8.72 38.38
C ALA A 171 -16.20 -8.97 36.98
N SER A 172 -16.04 -8.00 36.10
CA SER A 172 -16.55 -8.15 34.73
C SER A 172 -15.46 -8.00 33.68
N ASN A 173 -14.32 -7.42 34.06
CA ASN A 173 -13.23 -7.26 33.10
C ASN A 173 -12.40 -8.52 33.04
N PRO A 174 -12.10 -9.09 31.89
CA PRO A 174 -11.25 -10.26 31.84
C PRO A 174 -9.88 -9.93 32.38
N SER A 175 -9.32 -10.86 33.15
CA SER A 175 -7.96 -10.74 33.75
C SER A 175 -7.30 -12.09 33.78
N VAL A 176 -5.97 -12.09 33.70
CA VAL A 176 -5.18 -13.31 33.78
C VAL A 176 -4.14 -13.15 34.85
N PHE A 177 -3.92 -14.24 35.58
CA PHE A 177 -2.91 -14.25 36.62
C PHE A 177 -1.90 -15.28 36.15
N PHE A 178 -0.64 -14.90 36.16
CA PHE A 178 0.40 -15.81 35.75
C PHE A 178 1.68 -15.48 36.47
N LYS A 179 2.61 -16.42 36.46
CA LYS A 179 3.86 -16.22 37.15
C LYS A 179 4.93 -15.62 36.28
N VAL A 180 5.78 -14.85 36.93
CA VAL A 180 6.91 -14.22 36.29
C VAL A 180 7.81 -15.38 35.89
N GLY A 181 8.26 -15.40 34.63
CA GLY A 181 9.10 -16.47 34.15
C GLY A 181 8.29 -17.38 33.26
N GLU A 182 7.00 -17.33 33.48
CA GLU A 182 6.02 -18.08 32.71
C GLU A 182 5.47 -17.15 31.63
N THR A 183 4.42 -17.61 31.00
CA THR A 183 3.79 -16.87 29.91
C THR A 183 2.29 -17.09 29.97
N SER A 184 1.55 -16.12 29.47
CA SER A 184 0.09 -16.20 29.43
C SER A 184 -0.36 -16.11 27.97
N ARG A 185 -1.34 -16.92 27.60
CA ARG A 185 -1.83 -16.93 26.24
C ARG A 185 -3.33 -17.01 26.15
N PHE A 186 -3.92 -16.09 25.40
CA PHE A 186 -5.37 -16.08 25.19
C PHE A 186 -5.67 -15.46 23.84
N SER A 187 -6.85 -15.77 23.31
CA SER A 187 -7.27 -15.23 22.03
C SER A 187 -8.33 -14.18 22.29
N VAL A 188 -8.45 -13.24 21.36
CA VAL A 188 -9.44 -12.17 21.46
C VAL A 188 -10.10 -11.99 20.10
N PRO A 189 -11.45 -11.99 20.08
CA PRO A 189 -12.23 -11.82 18.85
C PRO A 189 -12.00 -10.44 18.23
N PHE A 190 -12.33 -10.29 16.95
CA PHE A 190 -12.19 -9.00 16.27
C PHE A 190 -13.12 -8.03 17.02
N VAL A 191 -12.54 -7.06 17.71
CA VAL A 191 -13.35 -6.15 18.55
C VAL A 191 -13.54 -4.74 17.97
N GLY A 192 -13.67 -4.66 16.67
CA GLY A 192 -13.89 -3.38 16.00
C GLY A 192 -15.38 -3.06 15.97
N ILE A 193 -15.67 -1.77 16.02
CA ILE A 193 -17.06 -1.29 15.99
C ILE A 193 -17.54 -1.26 14.54
N ALA A 194 -16.60 -1.38 13.60
CA ALA A 194 -16.95 -1.41 12.19
C ALA A 194 -16.68 -2.81 11.67
N SER A 195 -16.76 -2.99 10.36
CA SER A 195 -16.54 -4.32 9.79
C SER A 195 -15.07 -4.68 9.68
N ALA A 196 -14.18 -3.71 9.82
CA ALA A 196 -12.75 -3.98 9.74
C ALA A 196 -11.97 -2.91 10.48
N TYR A 197 -10.67 -3.17 10.66
CA TYR A 197 -9.80 -2.21 11.32
C TYR A 197 -9.25 -1.26 10.28
N ASN A 198 -9.06 0.00 10.65
CA ASN A 198 -8.52 0.96 9.69
C ASN A 198 -7.02 1.13 9.85
N CYS A 199 -6.25 0.70 8.85
CA CYS A 199 -4.80 0.91 8.94
C CYS A 199 -4.57 2.39 8.68
N PHE A 200 -5.50 2.98 7.93
CA PHE A 200 -5.44 4.39 7.60
C PHE A 200 -6.83 4.95 7.67
N TYR A 201 -6.90 6.24 7.94
CA TYR A 201 -8.17 6.92 8.05
C TYR A 201 -7.94 8.39 7.78
N ASP A 202 -8.36 8.82 6.59
CA ASP A 202 -8.23 10.19 6.17
C ASP A 202 -9.46 10.95 6.67
N GLY A 203 -9.58 11.11 7.98
CA GLY A 203 -10.71 11.81 8.54
C GLY A 203 -10.50 12.37 9.95
N TYR A 204 -11.58 12.82 10.57
CA TYR A 204 -11.53 13.39 11.92
C TYR A 204 -12.71 12.87 12.75
N SER A 205 -12.69 13.13 14.05
CA SER A 205 -13.76 12.65 14.93
C SER A 205 -15.03 13.45 14.70
N HIS A 206 -14.85 14.74 14.43
CA HIS A 206 -15.96 15.64 14.18
C HIS A 206 -15.37 16.80 13.41
N ASP A 207 -16.22 17.60 12.79
CA ASP A 207 -15.71 18.71 12.01
C ASP A 207 -15.36 19.86 12.91
N ASP A 208 -14.15 19.81 13.46
CA ASP A 208 -13.71 20.85 14.34
C ASP A 208 -12.38 21.34 13.81
N PRO A 209 -12.06 22.62 14.02
CA PRO A 209 -10.77 23.08 13.49
C PRO A 209 -9.55 22.52 14.22
N ASP A 210 -9.71 22.11 15.47
CA ASP A 210 -8.55 21.66 16.23
C ASP A 210 -8.44 20.21 16.65
N THR A 211 -9.40 19.39 16.29
CA THR A 211 -9.34 17.99 16.66
C THR A 211 -8.29 17.23 15.85
N PRO A 212 -7.70 16.18 16.44
CA PRO A 212 -6.68 15.38 15.79
C PRO A 212 -7.18 14.77 14.51
N TYR A 213 -6.23 14.25 13.75
CA TYR A 213 -6.44 13.66 12.41
C TYR A 213 -5.79 12.27 12.33
N GLY A 214 -6.53 11.33 11.76
CA GLY A 214 -6.06 9.95 11.56
C GLY A 214 -6.53 9.01 12.67
N ILE A 215 -6.06 9.29 13.89
CA ILE A 215 -6.41 8.48 15.07
C ILE A 215 -7.92 8.38 15.23
N THR A 216 -8.43 7.16 15.20
CA THR A 216 -9.87 6.91 15.35
C THR A 216 -10.17 5.80 16.34
N VAL A 217 -11.29 5.94 17.00
CA VAL A 217 -11.75 4.93 17.93
C VAL A 217 -12.05 3.69 17.11
N LEU A 218 -11.92 3.86 15.82
CA LEU A 218 -12.16 2.80 14.83
C LEU A 218 -10.97 1.83 14.79
N ASN A 219 -10.00 2.08 15.65
CA ASN A 219 -8.80 1.24 15.75
C ASN A 219 -8.58 0.80 17.18
N HIS A 220 -9.48 1.22 18.03
CA HIS A 220 -9.43 0.89 19.44
C HIS A 220 -9.52 -0.60 19.64
N MET A 221 -8.60 -1.09 20.43
CA MET A 221 -8.50 -2.50 20.78
C MET A 221 -8.51 -2.64 22.30
N GLY A 222 -8.36 -1.51 22.95
CA GLY A 222 -8.40 -1.41 24.42
C GLY A 222 -7.11 -0.88 25.03
N SER A 223 -7.12 -1.03 26.33
CA SER A 223 -6.05 -0.68 27.28
C SER A 223 -5.87 -1.89 28.22
N MET A 224 -4.64 -2.25 28.53
CA MET A 224 -4.32 -3.39 29.43
C MET A 224 -3.59 -2.82 30.67
N ALA A 225 -4.00 -3.26 31.84
CA ALA A 225 -3.39 -2.81 33.13
C ALA A 225 -2.56 -3.95 33.72
N PHE A 226 -1.41 -3.63 34.29
CA PHE A 226 -0.51 -4.65 34.86
C PHE A 226 -0.09 -4.35 36.30
N ARG A 227 0.12 -5.41 37.08
CA ARG A 227 0.58 -5.28 38.47
C ARG A 227 1.05 -6.63 38.98
N VAL A 228 1.83 -6.54 40.02
CA VAL A 228 2.30 -7.71 40.76
C VAL A 228 1.33 -7.90 41.90
N VAL A 229 0.83 -9.10 42.05
CA VAL A 229 -0.16 -9.33 43.08
C VAL A 229 0.46 -9.42 44.48
N ASN A 230 1.69 -9.92 44.56
CA ASN A 230 2.38 -10.07 45.85
C ASN A 230 2.65 -8.75 46.51
N GLU A 231 2.80 -8.86 47.80
CA GLU A 231 3.16 -7.74 48.65
C GLU A 231 4.63 -7.45 48.34
N HIS A 232 5.30 -6.88 49.29
CA HIS A 232 6.71 -6.52 49.09
C HIS A 232 7.62 -7.28 50.02
N ASP A 233 8.78 -7.55 49.48
CA ASP A 233 9.87 -8.20 50.20
C ASP A 233 10.75 -7.10 50.76
N VAL A 234 11.98 -7.43 50.99
CA VAL A 234 12.93 -6.46 51.53
C VAL A 234 13.62 -5.72 50.39
N HIS A 235 13.71 -6.38 49.25
CA HIS A 235 14.32 -5.80 48.06
C HIS A 235 13.24 -5.45 47.06
N THR A 236 13.66 -4.78 46.00
CA THR A 236 12.72 -4.42 44.96
C THR A 236 12.93 -5.44 43.85
N THR A 237 11.85 -5.77 43.16
CA THR A 237 11.94 -6.67 42.04
C THR A 237 11.36 -5.94 40.85
N ILE A 238 12.08 -5.99 39.73
CA ILE A 238 11.66 -5.31 38.52
C ILE A 238 11.15 -6.33 37.52
N VAL A 239 9.89 -6.17 37.16
CA VAL A 239 9.22 -7.05 36.23
C VAL A 239 9.04 -6.33 34.91
N LYS A 240 9.49 -6.96 33.84
CA LYS A 240 9.33 -6.41 32.51
C LYS A 240 8.36 -7.29 31.77
N ILE A 241 7.39 -6.66 31.13
CA ILE A 241 6.36 -7.35 30.40
C ILE A 241 6.49 -7.13 28.90
N ARG A 242 6.48 -8.22 28.15
CA ARG A 242 6.54 -8.15 26.70
C ARG A 242 5.25 -8.77 26.17
N VAL A 243 4.56 -8.01 25.33
CA VAL A 243 3.31 -8.46 24.73
C VAL A 243 3.52 -8.79 23.27
N TYR A 244 3.13 -10.00 22.89
CA TYR A 244 3.23 -10.45 21.51
C TYR A 244 1.83 -10.60 20.96
N HIS A 245 1.66 -10.29 19.68
CA HIS A 245 0.37 -10.41 19.03
C HIS A 245 0.47 -11.30 17.81
N ARG A 246 -0.50 -12.18 17.63
CA ARG A 246 -0.55 -13.05 16.46
C ARG A 246 -1.95 -12.89 15.89
N ALA A 247 -2.03 -12.68 14.58
CA ALA A 247 -3.32 -12.51 13.94
C ALA A 247 -3.80 -13.86 13.40
N LYS A 248 -5.04 -14.19 13.68
CA LYS A 248 -5.63 -15.44 13.19
C LYS A 248 -6.89 -15.07 12.45
N HIS A 249 -7.27 -15.89 11.47
CA HIS A 249 -8.50 -15.68 10.71
C HIS A 249 -8.45 -14.27 10.14
N VAL A 250 -7.52 -14.10 9.21
CA VAL A 250 -7.21 -12.82 8.59
C VAL A 250 -7.99 -12.56 7.29
N GLU A 251 -8.23 -11.28 7.13
CA GLU A 251 -8.91 -10.67 5.98
C GLU A 251 -8.32 -9.29 5.77
N ALA A 252 -7.85 -9.03 4.58
CA ALA A 252 -7.21 -7.76 4.26
C ALA A 252 -7.67 -7.19 2.91
N TRP A 253 -7.97 -5.89 2.89
CA TRP A 253 -8.42 -5.22 1.67
C TRP A 253 -7.58 -4.01 1.28
N ILE A 254 -7.59 -3.71 -0.02
CA ILE A 254 -6.91 -2.57 -0.63
C ILE A 254 -5.40 -2.39 -0.34
N PRO A 255 -4.54 -3.04 -1.14
CA PRO A 255 -3.09 -2.93 -0.92
C PRO A 255 -2.53 -1.55 -1.27
N ARG A 256 -1.57 -1.10 -0.47
CA ARG A 256 -0.96 0.20 -0.69
C ARG A 256 0.54 0.10 -0.88
N ALA A 257 1.17 1.26 -1.10
CA ALA A 257 2.60 1.35 -1.29
C ALA A 257 3.31 1.12 0.05
N PRO A 258 4.40 0.34 0.04
CA PRO A 258 5.16 0.05 1.26
C PRO A 258 5.65 1.33 1.95
N ARG A 259 5.98 1.26 3.23
CA ARG A 259 6.47 2.47 3.85
C ARG A 259 7.92 2.62 3.50
N ALA A 260 8.32 3.83 3.14
CA ALA A 260 9.69 4.07 2.77
C ALA A 260 10.43 4.80 3.86
N LEU A 261 9.81 5.83 4.41
CA LEU A 261 10.47 6.62 5.43
C LEU A 261 10.28 6.11 6.85
N PRO A 262 11.17 6.50 7.76
CA PRO A 262 11.07 6.08 9.15
C PRO A 262 9.75 6.55 9.75
N TYR A 263 9.29 5.85 10.77
CA TYR A 263 8.06 6.25 11.44
C TYR A 263 8.50 7.13 12.57
N VAL A 264 7.64 8.02 13.02
CA VAL A 264 8.02 8.91 14.10
C VAL A 264 7.01 8.98 15.23
N SER A 265 5.78 8.60 14.94
CA SER A 265 4.71 8.71 15.90
C SER A 265 3.64 7.63 15.72
N ILE A 266 2.93 7.29 16.80
CA ILE A 266 1.89 6.29 16.70
C ILE A 266 0.66 6.85 15.98
N GLY A 267 0.11 6.06 15.05
CA GLY A 267 -1.07 6.46 14.32
C GLY A 267 -0.99 7.68 13.42
N ARG A 268 0.21 8.06 13.03
CA ARG A 268 0.40 9.20 12.16
C ARG A 268 1.31 8.81 11.01
N THR A 269 1.03 9.32 9.82
CA THR A 269 1.87 8.97 8.67
C THR A 269 3.10 9.87 8.61
N ASN A 270 3.22 10.77 9.59
CA ASN A 270 4.34 11.70 9.68
C ASN A 270 5.68 11.03 9.52
N TYR A 271 6.59 11.72 8.84
CA TYR A 271 7.93 11.21 8.62
C TYR A 271 8.96 12.29 8.84
N PRO A 272 10.19 11.92 9.21
CA PRO A 272 11.26 12.89 9.42
C PRO A 272 11.54 13.75 8.20
N ARG A 273 11.66 15.05 8.45
CA ARG A 273 11.90 16.01 7.40
C ARG A 273 13.33 16.12 6.94
N ASP A 274 14.25 15.50 7.66
CA ASP A 274 15.63 15.54 7.22
C ASP A 274 16.04 14.23 6.53
N SER A 275 15.09 13.35 6.37
CA SER A 275 15.29 12.08 5.66
C SER A 275 15.01 12.32 4.19
N LYS A 276 16.07 12.34 3.40
CA LYS A 276 15.95 12.69 1.98
C LYS A 276 16.54 11.65 1.01
N THR A 277 17.20 10.63 1.51
CA THR A 277 17.80 9.65 0.61
C THR A 277 17.47 8.22 1.04
N ILE A 278 16.32 7.78 0.54
CA ILE A 278 15.80 6.43 0.78
C ILE A 278 16.26 5.51 -0.34
N VAL A 279 16.35 6.07 -1.55
CA VAL A 279 16.81 5.32 -2.71
C VAL A 279 18.33 5.42 -2.74
N LYS A 280 19.00 4.29 -2.94
CA LYS A 280 20.48 4.19 -3.03
C LYS A 280 20.92 4.85 -4.33
N LYS A 281 22.04 5.54 -4.29
CA LYS A 281 22.52 6.25 -5.47
C LYS A 281 23.78 5.66 -6.05
N ARG A 282 23.87 5.87 -7.33
CA ARG A 282 25.02 5.51 -8.14
C ARG A 282 25.76 6.78 -8.44
N THR A 283 26.43 6.73 -9.53
CA THR A 283 27.15 7.86 -10.09
C THR A 283 26.75 7.90 -11.55
N ASN A 284 26.70 6.71 -12.14
CA ASN A 284 26.39 6.55 -13.53
C ASN A 284 25.24 5.56 -13.72
N ILE A 285 24.26 5.91 -14.54
CA ILE A 285 23.10 5.05 -14.79
C ILE A 285 23.54 3.81 -15.58
N LYS A 286 24.76 3.88 -16.12
CA LYS A 286 25.28 2.80 -16.95
C LYS A 286 26.10 1.71 -16.28
N THR A 287 26.48 1.93 -15.03
CA THR A 287 27.29 0.96 -14.31
C THR A 287 26.51 -0.28 -13.87
N TYR A 288 27.21 -1.39 -13.65
CA TYR A 288 26.54 -2.61 -13.25
C TYR A 288 26.56 -2.85 -11.76
N GLY B 8 -15.64 -1.08 -36.35
CA GLY B 8 -15.17 0.25 -36.64
C GLY B 8 -14.88 1.10 -35.41
N TYR B 9 -15.50 0.74 -34.31
CA TYR B 9 -15.38 1.47 -33.05
C TYR B 9 -13.98 1.34 -32.44
N SER B 10 -13.63 2.31 -31.61
CA SER B 10 -12.29 2.35 -30.97
C SER B 10 -12.36 2.49 -29.45
N ASP B 11 -11.25 2.05 -28.88
CA ASP B 11 -10.97 2.11 -27.44
C ASP B 11 -10.61 3.56 -27.08
N ARG B 12 -10.38 4.34 -28.14
CA ARG B 12 -9.92 5.74 -28.04
C ARG B 12 -11.06 6.77 -28.01
N VAL B 13 -12.07 6.58 -28.81
CA VAL B 13 -13.21 7.53 -28.84
C VAL B 13 -14.29 7.02 -27.90
N GLN B 14 -14.72 7.89 -26.99
CA GLN B 14 -15.72 7.49 -26.00
C GLN B 14 -16.65 8.61 -25.57
N GLN B 15 -17.81 8.21 -25.10
CA GLN B 15 -18.82 9.14 -24.62
C GLN B 15 -19.34 8.64 -23.30
N ILE B 16 -19.48 9.57 -22.36
CA ILE B 16 -20.00 9.24 -21.04
C ILE B 16 -21.16 10.20 -20.83
N THR B 17 -22.37 9.65 -20.70
CA THR B 17 -23.55 10.49 -20.47
C THR B 17 -24.05 10.21 -19.05
N LEU B 18 -24.03 11.22 -18.20
CA LEU B 18 -24.48 11.06 -16.83
C LEU B 18 -25.40 12.23 -16.47
N GLY B 19 -26.70 11.99 -16.48
CA GLY B 19 -27.68 13.03 -16.17
C GLY B 19 -27.92 13.93 -17.37
N ASN B 20 -27.58 15.22 -17.25
CA ASN B 20 -27.73 16.17 -18.35
C ASN B 20 -26.38 16.65 -18.85
N SER B 21 -25.37 15.83 -18.62
CA SER B 21 -24.02 16.14 -19.04
C SER B 21 -23.45 14.96 -19.81
N THR B 22 -22.82 15.29 -20.90
CA THR B 22 -22.16 14.31 -21.76
C THR B 22 -20.75 14.76 -22.05
N ILE B 23 -19.83 13.87 -21.80
CA ILE B 23 -18.42 14.10 -22.05
C ILE B 23 -17.99 13.26 -23.23
N THR B 24 -17.05 13.77 -23.99
CA THR B 24 -16.53 13.07 -25.15
C THR B 24 -15.02 13.16 -25.20
N THR B 25 -14.40 12.09 -25.67
CA THR B 25 -12.96 12.09 -25.82
C THR B 25 -12.68 11.28 -27.08
N GLN B 26 -11.67 11.71 -27.83
CA GLN B 26 -11.31 11.03 -29.05
C GLN B 26 -9.92 10.43 -28.94
N GLU B 27 -9.32 10.65 -27.77
CA GLU B 27 -8.00 10.16 -27.47
C GLU B 27 -7.86 9.61 -26.06
N ALA B 28 -8.62 8.55 -25.83
CA ALA B 28 -8.66 7.86 -24.55
C ALA B 28 -7.69 6.67 -24.60
N ARG B 29 -7.49 6.08 -23.44
CA ARG B 29 -6.65 4.89 -23.28
C ARG B 29 -7.38 3.96 -22.31
N ASN B 30 -8.52 3.53 -22.78
CA ASN B 30 -9.46 2.70 -22.03
C ASN B 30 -9.85 3.44 -20.76
N ALA B 31 -10.12 2.72 -19.72
CA ALA B 31 -10.55 3.34 -18.47
C ALA B 31 -10.51 2.30 -17.38
N ILE B 32 -10.28 2.75 -16.18
CA ILE B 32 -10.14 1.88 -15.04
C ILE B 32 -11.35 1.93 -14.12
N VAL B 33 -11.79 0.73 -13.80
CA VAL B 33 -12.89 0.47 -12.89
C VAL B 33 -12.33 -0.16 -11.63
N CYS B 34 -11.97 0.73 -10.75
CA CYS B 34 -11.35 0.42 -9.47
C CYS B 34 -11.73 -0.95 -8.90
N TYR B 35 -10.69 -1.71 -8.64
CA TYR B 35 -10.77 -3.04 -8.04
C TYR B 35 -11.76 -3.93 -8.77
N ALA B 36 -11.92 -3.63 -10.06
CA ALA B 36 -12.81 -4.36 -10.94
C ALA B 36 -14.26 -4.30 -10.46
N GLU B 37 -14.61 -3.26 -9.71
CA GLU B 37 -15.95 -3.13 -9.20
C GLU B 37 -16.66 -1.83 -9.55
N TRP B 38 -17.86 -2.00 -10.10
CA TRP B 38 -18.70 -0.89 -10.50
C TRP B 38 -19.54 -0.45 -9.31
N PRO B 39 -19.81 0.88 -9.19
CA PRO B 39 -20.63 1.39 -8.09
C PRO B 39 -22.01 0.75 -8.06
N GLU B 40 -22.57 0.63 -6.87
CA GLU B 40 -23.91 0.08 -6.67
C GLU B 40 -24.42 0.66 -5.35
N TYR B 41 -25.73 0.67 -5.15
CA TYR B 41 -26.27 1.22 -3.90
C TYR B 41 -26.04 0.27 -2.75
N LEU B 42 -26.33 0.75 -1.55
CA LEU B 42 -26.16 -0.05 -0.34
C LEU B 42 -27.26 -1.10 -0.24
N SER B 43 -26.89 -2.35 0.05
CA SER B 43 -27.85 -3.44 0.18
C SER B 43 -28.39 -3.60 1.60
N ASP B 44 -29.53 -4.29 1.73
CA ASP B 44 -30.12 -4.51 3.06
C ASP B 44 -29.20 -5.37 3.91
N ASN B 45 -28.57 -6.36 3.30
CA ASN B 45 -27.68 -7.23 4.07
C ASN B 45 -26.55 -6.44 4.72
N ASP B 46 -26.06 -5.44 4.00
CA ASP B 46 -24.97 -4.61 4.51
C ASP B 46 -25.39 -3.43 5.38
N ALA B 47 -26.66 -3.05 5.29
CA ALA B 47 -27.17 -1.90 6.03
C ALA B 47 -27.32 -2.09 7.54
N SER B 48 -27.09 -1.00 8.26
CA SER B 48 -27.18 -0.98 9.72
C SER B 48 -28.29 0.02 10.09
N ASP B 49 -28.01 1.28 9.76
CA ASP B 49 -28.89 2.44 9.97
C ASP B 49 -30.29 2.07 9.47
N VAL B 50 -31.31 2.18 10.32
CA VAL B 50 -32.68 1.82 9.93
C VAL B 50 -33.41 2.82 9.03
N ASN B 51 -32.81 3.94 8.78
CA ASN B 51 -33.48 4.98 8.00
C ASN B 51 -33.46 4.72 6.51
N LYS B 52 -34.44 5.35 5.90
CA LYS B 52 -34.64 5.33 4.46
C LYS B 52 -33.67 6.30 3.82
N THR B 53 -33.06 5.85 2.77
CA THR B 53 -32.06 6.62 2.04
C THR B 53 -32.70 7.39 0.90
N SER B 54 -32.19 8.59 0.72
CA SER B 54 -32.63 9.50 -0.34
C SER B 54 -31.73 9.35 -1.55
N LYS B 55 -32.34 9.21 -2.73
CA LYS B 55 -31.61 9.05 -3.97
C LYS B 55 -32.01 10.11 -5.00
N PRO B 56 -31.43 11.30 -4.91
CA PRO B 56 -31.76 12.42 -5.80
C PRO B 56 -31.53 12.14 -7.28
N ASP B 57 -30.81 11.09 -7.59
CA ASP B 57 -30.56 10.69 -8.99
C ASP B 57 -29.91 11.82 -9.81
N ILE B 58 -30.35 11.88 -11.05
CA ILE B 58 -29.88 12.82 -12.11
C ILE B 58 -29.59 14.25 -11.66
N SER B 59 -29.94 14.62 -10.45
CA SER B 59 -29.71 16.01 -10.01
C SER B 59 -28.34 16.14 -9.35
N VAL B 60 -27.83 15.02 -8.85
CA VAL B 60 -26.53 15.01 -8.21
C VAL B 60 -25.59 14.11 -9.01
N CYS B 61 -26.15 13.11 -9.68
CA CYS B 61 -25.34 12.20 -10.47
C CYS B 61 -25.16 12.69 -11.90
N ARG B 62 -24.41 13.79 -11.99
CA ARG B 62 -24.10 14.47 -13.23
C ARG B 62 -22.65 14.96 -13.10
N PHE B 63 -22.03 15.38 -14.20
CA PHE B 63 -20.65 15.83 -14.17
C PHE B 63 -20.41 17.27 -13.73
N TYR B 64 -19.57 17.45 -12.72
CA TYR B 64 -19.23 18.78 -12.23
C TYR B 64 -17.77 19.02 -12.58
N THR B 65 -17.48 20.18 -13.16
CA THR B 65 -16.12 20.53 -13.57
C THR B 65 -15.46 21.50 -12.60
N LEU B 66 -14.35 21.03 -12.05
CA LEU B 66 -13.53 21.76 -11.08
C LEU B 66 -12.73 22.86 -11.77
N ASP B 67 -12.31 23.82 -10.98
CA ASP B 67 -11.49 24.94 -11.46
C ASP B 67 -10.20 24.36 -12.04
N SER B 68 -9.83 24.89 -13.17
CA SER B 68 -8.68 24.40 -13.95
C SER B 68 -7.33 24.63 -13.28
N LYS B 69 -6.39 23.76 -13.63
CA LYS B 69 -5.02 23.86 -13.13
C LYS B 69 -4.09 24.20 -14.30
N THR B 70 -2.89 24.68 -14.00
CA THR B 70 -1.92 25.02 -15.04
C THR B 70 -0.63 24.24 -14.91
N TRP B 71 -0.43 23.35 -15.86
CA TRP B 71 0.75 22.51 -15.90
C TRP B 71 1.92 23.34 -16.43
N LYS B 72 2.84 23.67 -15.53
CA LYS B 72 4.05 24.41 -15.86
C LYS B 72 5.15 23.37 -15.91
N ALA B 73 6.30 23.70 -16.50
CA ALA B 73 7.38 22.74 -16.60
C ALA B 73 8.07 22.45 -15.25
N THR B 74 7.65 23.16 -14.22
CA THR B 74 8.24 22.96 -12.90
C THR B 74 7.21 22.38 -11.92
N SER B 75 5.99 22.17 -12.41
CA SER B 75 4.91 21.63 -11.60
C SER B 75 5.24 20.32 -10.87
N LYS B 76 4.76 20.26 -9.63
CA LYS B 76 4.97 19.11 -8.72
C LYS B 76 3.79 18.15 -8.70
N GLY B 77 2.58 18.69 -8.75
CA GLY B 77 1.36 17.86 -8.75
C GLY B 77 0.22 18.54 -8.00
N TRP B 78 -0.93 17.89 -8.04
CA TRP B 78 -2.15 18.38 -7.39
C TRP B 78 -2.91 17.25 -6.71
N CYS B 79 -3.62 17.60 -5.65
CA CYS B 79 -4.38 16.62 -4.89
C CYS B 79 -5.77 17.11 -4.51
N TRP B 80 -6.78 16.32 -4.83
CA TRP B 80 -8.15 16.64 -4.50
C TRP B 80 -8.65 15.54 -3.56
N LYS B 81 -9.49 15.92 -2.62
CA LYS B 81 -10.07 15.00 -1.62
C LYS B 81 -11.57 14.92 -1.85
N LEU B 82 -12.12 13.71 -1.92
CA LEU B 82 -13.55 13.54 -2.11
C LEU B 82 -14.18 12.95 -0.84
N PRO B 83 -15.43 13.30 -0.56
CA PRO B 83 -16.32 14.19 -1.32
C PRO B 83 -16.09 15.71 -1.21
N ASP B 84 -15.04 16.10 -0.50
CA ASP B 84 -14.71 17.52 -0.27
C ASP B 84 -14.69 18.44 -1.49
N ALA B 85 -14.00 18.03 -2.54
CA ALA B 85 -13.89 18.83 -3.76
C ALA B 85 -15.23 19.17 -4.42
N LEU B 86 -16.27 18.42 -4.12
CA LEU B 86 -17.58 18.69 -4.73
C LEU B 86 -18.62 19.26 -3.76
N LYS B 87 -18.17 19.78 -2.61
CA LYS B 87 -19.06 20.32 -1.57
C LYS B 87 -19.82 21.61 -1.89
N ASP B 88 -19.52 22.24 -3.02
CA ASP B 88 -20.22 23.46 -3.40
C ASP B 88 -20.81 23.28 -4.77
N MET B 89 -20.84 22.03 -5.20
CA MET B 89 -21.37 21.70 -6.50
C MET B 89 -22.87 21.47 -6.50
N GLY B 90 -23.61 22.48 -6.95
CA GLY B 90 -25.06 22.39 -7.03
C GLY B 90 -25.82 21.64 -5.96
N VAL B 91 -26.79 20.82 -6.38
CA VAL B 91 -27.60 20.07 -5.43
C VAL B 91 -26.84 18.97 -4.67
N PHE B 92 -25.65 18.59 -5.15
CA PHE B 92 -24.85 17.58 -4.48
C PHE B 92 -24.35 18.14 -3.16
N GLY B 93 -23.73 19.32 -3.23
CA GLY B 93 -23.20 19.97 -2.03
C GLY B 93 -24.29 20.23 -1.02
N GLN B 94 -25.46 20.63 -1.49
CA GLN B 94 -26.59 20.91 -0.61
C GLN B 94 -26.92 19.68 0.20
N ASN B 95 -27.23 18.60 -0.53
CA ASN B 95 -27.57 17.34 0.09
C ASN B 95 -26.48 16.87 1.05
N MET B 96 -25.25 17.15 0.68
CA MET B 96 -24.08 16.77 1.46
C MET B 96 -24.06 17.45 2.83
N PHE B 97 -24.78 18.56 2.98
CA PHE B 97 -24.77 19.27 4.25
C PHE B 97 -26.10 19.31 4.98
N TYR B 98 -27.03 18.49 4.57
CA TYR B 98 -28.33 18.47 5.23
C TYR B 98 -28.59 17.11 5.85
N HIS B 99 -27.79 16.19 5.41
CA HIS B 99 -27.86 14.82 5.89
C HIS B 99 -26.67 14.53 6.76
N SER B 100 -26.92 13.68 7.70
CA SER B 100 -25.92 13.25 8.66
C SER B 100 -24.97 12.26 7.99
N LEU B 101 -25.49 11.49 7.03
CA LEU B 101 -24.69 10.50 6.33
C LEU B 101 -24.99 10.44 4.83
N GLY B 102 -23.99 10.02 4.07
CA GLY B 102 -24.14 9.92 2.63
C GLY B 102 -23.23 8.82 2.12
N ARG B 103 -23.37 8.47 0.86
CA ARG B 103 -22.57 7.42 0.25
C ARG B 103 -22.57 7.64 -1.25
N THR B 104 -21.43 7.43 -1.87
CA THR B 104 -21.33 7.63 -3.30
C THR B 104 -20.03 7.12 -3.89
N GLY B 105 -20.12 7.00 -5.19
CA GLY B 105 -19.02 6.61 -6.06
C GLY B 105 -18.91 7.69 -7.12
N TYR B 106 -17.85 7.67 -7.87
CA TYR B 106 -17.65 8.70 -8.89
C TYR B 106 -17.03 8.18 -10.16
N THR B 107 -17.17 9.06 -11.13
CA THR B 107 -16.57 8.95 -12.45
C THR B 107 -15.70 10.17 -12.59
N ILE B 108 -14.42 9.93 -12.53
CA ILE B 108 -13.44 10.99 -12.61
C ILE B 108 -12.87 11.07 -14.01
N HIS B 109 -12.92 12.26 -14.58
CA HIS B 109 -12.43 12.47 -15.93
C HIS B 109 -11.41 13.60 -15.96
N VAL B 110 -10.15 13.25 -16.15
CA VAL B 110 -9.06 14.22 -16.18
C VAL B 110 -8.67 14.51 -17.63
N GLN B 111 -8.63 15.79 -17.96
CA GLN B 111 -8.35 16.28 -19.31
C GLN B 111 -7.08 17.11 -19.52
N CYS B 112 -6.35 16.79 -20.58
CA CYS B 112 -5.14 17.52 -20.94
C CYS B 112 -4.77 17.25 -22.40
N ASN B 113 -5.15 18.17 -23.27
CA ASN B 113 -4.81 18.06 -24.69
C ASN B 113 -3.58 18.89 -25.01
N ALA B 114 -2.88 18.48 -26.07
CA ALA B 114 -1.64 19.14 -26.47
C ALA B 114 -1.38 19.09 -27.98
N THR B 115 -0.10 18.87 -28.26
CA THR B 115 0.48 18.88 -29.61
C THR B 115 1.50 17.73 -29.83
N LYS B 116 1.39 17.10 -31.02
CA LYS B 116 2.24 15.96 -31.47
C LYS B 116 3.72 16.36 -31.41
N PHE B 117 3.97 17.54 -30.89
CA PHE B 117 5.31 18.08 -30.76
C PHE B 117 5.70 18.16 -29.28
N HIS B 118 4.69 18.07 -28.43
CA HIS B 118 4.91 18.10 -26.98
C HIS B 118 5.22 16.71 -26.45
N SER B 119 5.74 16.72 -25.27
CA SER B 119 6.09 15.52 -24.52
C SER B 119 5.97 15.84 -23.04
N GLY B 120 5.41 14.90 -22.34
CA GLY B 120 5.18 15.01 -20.91
C GLY B 120 4.25 13.91 -20.48
N CYS B 121 4.33 13.57 -19.24
CA CYS B 121 3.51 12.47 -18.75
C CYS B 121 2.97 12.72 -17.35
N LEU B 122 1.65 12.58 -17.23
CA LEU B 122 0.96 12.74 -15.95
C LEU B 122 0.52 11.40 -15.40
N LEU B 123 0.60 11.24 -14.09
CA LEU B 123 0.12 10.02 -13.43
C LEU B 123 -1.17 10.45 -12.75
N VAL B 124 -2.28 9.82 -13.12
CA VAL B 124 -3.58 10.13 -12.54
C VAL B 124 -3.99 8.94 -11.68
N VAL B 125 -3.95 9.12 -10.36
CA VAL B 125 -4.26 8.04 -9.42
C VAL B 125 -5.32 8.36 -8.35
N VAL B 126 -6.07 7.33 -7.97
CA VAL B 126 -7.11 7.42 -6.93
C VAL B 126 -6.63 6.60 -5.74
N ILE B 127 -6.48 7.26 -4.59
CA ILE B 127 -5.98 6.62 -3.38
C ILE B 127 -7.03 6.55 -2.27
N PRO B 128 -7.50 5.33 -1.94
CA PRO B 128 -8.50 5.19 -0.87
C PRO B 128 -7.76 5.45 0.45
N GLU B 129 -8.35 6.26 1.33
CA GLU B 129 -7.77 6.62 2.64
C GLU B 129 -6.36 7.25 2.59
N HIS B 130 -6.20 8.36 1.87
CA HIS B 130 -4.90 9.03 1.76
C HIS B 130 -4.61 9.94 2.96
N GLN B 131 -4.19 9.32 4.06
CA GLN B 131 -3.86 10.03 5.29
C GLN B 131 -2.54 10.79 5.11
N LEU B 132 -2.67 12.11 4.98
CA LEU B 132 -1.54 13.01 4.79
C LEU B 132 -0.63 13.23 5.97
N ALA B 133 0.64 13.45 5.68
CA ALA B 133 1.67 13.71 6.68
C ALA B 133 1.76 15.22 6.87
N SER B 134 2.10 15.65 8.08
CA SER B 134 2.20 17.07 8.38
C SER B 134 3.54 17.70 8.05
N HIS B 135 3.49 19.00 7.81
CA HIS B 135 4.65 19.83 7.51
C HIS B 135 5.69 19.70 8.62
N GLU B 136 5.21 19.69 9.86
CA GLU B 136 6.06 19.63 11.04
C GLU B 136 6.60 18.26 11.42
N GLY B 137 5.81 17.22 11.20
CA GLY B 137 6.23 15.89 11.58
C GLY B 137 5.86 15.71 13.04
N GLY B 138 6.61 14.88 13.76
CA GLY B 138 6.31 14.65 15.16
C GLY B 138 4.91 14.12 15.39
N THR B 139 4.23 14.66 16.38
CA THR B 139 2.87 14.24 16.71
C THR B 139 1.86 15.27 16.20
N VAL B 140 2.32 16.15 15.32
CA VAL B 140 1.44 17.20 14.78
C VAL B 140 0.56 16.65 13.66
N SER B 141 -0.70 16.97 13.77
CA SER B 141 -1.71 16.56 12.81
C SER B 141 -1.96 17.65 11.79
N VAL B 142 -2.44 17.23 10.65
CA VAL B 142 -2.80 18.15 9.57
C VAL B 142 -4.19 18.67 9.84
N LYS B 143 -4.23 19.96 10.06
CA LYS B 143 -5.45 20.67 10.40
C LYS B 143 -6.55 20.42 9.38
N TYR B 144 -7.76 20.30 9.88
CA TYR B 144 -8.97 20.06 9.11
C TYR B 144 -9.09 20.89 7.85
N LYS B 145 -8.90 22.19 7.97
CA LYS B 145 -9.04 23.09 6.84
C LYS B 145 -8.02 22.81 5.74
N TYR B 146 -6.94 22.12 6.08
CA TYR B 146 -5.92 21.87 5.07
C TYR B 146 -6.19 20.64 4.22
N THR B 147 -7.06 19.80 4.74
CA THR B 147 -7.46 18.57 4.06
C THR B 147 -8.87 18.78 3.50
N HIS B 148 -9.39 19.98 3.72
CA HIS B 148 -10.73 20.33 3.25
C HIS B 148 -10.69 21.59 2.37
N PRO B 149 -9.71 21.69 1.45
CA PRO B 149 -9.58 22.87 0.57
C PRO B 149 -10.72 23.10 -0.42
N GLY B 150 -11.62 22.13 -0.54
CA GLY B 150 -12.72 22.26 -1.47
C GLY B 150 -12.22 22.05 -2.88
N ASP B 151 -12.83 22.78 -3.82
CA ASP B 151 -12.52 22.71 -5.25
C ASP B 151 -11.06 22.95 -5.56
N ARG B 152 -10.44 23.88 -4.82
CA ARG B 152 -9.06 24.27 -5.06
C ARG B 152 -8.08 23.12 -4.96
N GLY B 153 -8.30 22.26 -3.96
CA GLY B 153 -7.43 21.14 -3.79
C GLY B 153 -6.10 21.60 -3.23
N ILE B 154 -5.16 20.66 -3.20
CA ILE B 154 -3.84 20.91 -2.67
C ILE B 154 -2.86 20.98 -3.80
N ASP B 155 -2.28 22.16 -3.94
CA ASP B 155 -1.30 22.43 -4.96
C ASP B 155 0.07 22.17 -4.33
N LEU B 156 0.72 21.15 -4.82
CA LEU B 156 1.98 20.65 -4.25
C LEU B 156 3.19 21.57 -4.41
N ASP B 157 3.12 22.61 -5.20
CA ASP B 157 4.32 23.48 -5.32
C ASP B 157 4.07 24.83 -4.65
N THR B 158 3.18 24.78 -3.68
CA THR B 158 2.85 25.93 -2.83
C THR B 158 3.66 25.79 -1.56
N VAL B 159 4.08 26.91 -1.01
CA VAL B 159 4.90 26.90 0.20
C VAL B 159 4.14 26.27 1.36
N GLU B 160 4.82 25.40 2.13
CA GLU B 160 4.17 24.75 3.25
C GLU B 160 3.94 25.65 4.45
N VAL B 161 2.82 25.42 5.12
CA VAL B 161 2.44 26.19 6.29
C VAL B 161 2.40 25.31 7.53
N ALA B 162 2.38 25.93 8.70
CA ALA B 162 2.34 25.16 9.94
C ALA B 162 0.99 24.46 10.05
N GLY B 163 1.03 23.15 10.23
CA GLY B 163 -0.21 22.39 10.39
C GLY B 163 -0.79 21.88 9.09
N GLY B 164 -0.12 22.16 7.98
CA GLY B 164 -0.58 21.68 6.70
C GLY B 164 0.22 20.44 6.35
N PRO B 165 -0.04 19.86 5.18
CA PRO B 165 0.67 18.66 4.70
C PRO B 165 2.04 19.00 4.14
N THR B 166 2.83 17.97 3.83
CA THR B 166 4.14 18.20 3.25
C THR B 166 3.86 18.47 1.76
N SER B 167 4.84 18.96 1.01
CA SER B 167 4.62 19.23 -0.40
C SER B 167 5.51 18.31 -1.22
N ASP B 168 5.74 17.12 -0.67
CA ASP B 168 6.60 16.12 -1.28
C ASP B 168 5.91 15.10 -2.16
N ALA B 169 5.97 15.32 -3.46
CA ALA B 169 5.37 14.40 -4.40
C ALA B 169 6.15 13.08 -4.32
N ILE B 170 7.48 13.19 -4.23
CA ILE B 170 8.34 12.01 -4.15
C ILE B 170 7.94 11.07 -3.00
N TYR B 171 7.37 11.63 -1.93
CA TYR B 171 6.96 10.82 -0.80
C TYR B 171 5.45 10.62 -0.65
N ASN B 172 4.73 10.96 -1.71
CA ASN B 172 3.27 10.82 -1.76
C ASN B 172 2.55 11.55 -0.62
N MET B 173 3.26 12.47 0.04
CA MET B 173 2.75 13.24 1.16
C MET B 173 2.40 12.33 2.33
N ASP B 174 2.89 11.10 2.32
CA ASP B 174 2.54 10.18 3.39
C ASP B 174 3.63 9.24 3.88
N GLY B 175 4.84 9.39 3.34
CA GLY B 175 5.93 8.55 3.77
C GLY B 175 6.19 7.31 2.94
N THR B 176 5.56 7.27 1.77
CA THR B 176 5.72 6.15 0.84
C THR B 176 6.30 6.75 -0.45
N LEU B 177 6.88 5.91 -1.29
CA LEU B 177 7.53 6.40 -2.53
C LEU B 177 6.56 6.39 -3.73
N LEU B 178 6.78 7.44 -4.52
CA LEU B 178 6.01 7.79 -5.72
C LEU B 178 5.85 6.62 -6.70
N GLY B 179 6.95 5.92 -6.99
CA GLY B 179 6.88 4.82 -7.93
C GLY B 179 5.92 3.69 -7.60
N ASN B 180 5.63 3.52 -6.31
CA ASN B 180 4.77 2.46 -5.84
C ASN B 180 3.30 2.84 -5.82
N LEU B 181 3.02 4.07 -6.28
CA LEU B 181 1.68 4.60 -6.34
C LEU B 181 0.87 3.85 -7.39
N LEU B 182 1.55 3.00 -8.16
CA LEU B 182 0.93 2.22 -9.21
C LEU B 182 0.12 1.03 -8.71
N ILE B 183 0.17 0.79 -7.40
CA ILE B 183 -0.59 -0.30 -6.79
C ILE B 183 -2.03 0.17 -6.59
N PHE B 184 -2.25 1.47 -6.74
CA PHE B 184 -3.59 2.05 -6.61
C PHE B 184 -4.17 2.22 -8.02
N PRO B 185 -5.51 2.19 -8.14
CA PRO B 185 -6.07 2.36 -9.49
C PRO B 185 -5.62 3.66 -10.04
N HIS B 186 -4.91 3.56 -11.13
CA HIS B 186 -4.34 4.72 -11.81
C HIS B 186 -4.40 4.57 -13.31
N GLN B 187 -4.09 5.68 -13.92
CA GLN B 187 -4.04 5.83 -15.38
C GLN B 187 -3.07 6.95 -15.69
N PHE B 188 -2.46 6.84 -16.85
CA PHE B 188 -1.48 7.82 -17.30
C PHE B 188 -2.06 8.69 -18.41
N ILE B 189 -1.52 9.88 -18.48
CA ILE B 189 -1.84 10.83 -19.54
C ILE B 189 -0.53 11.20 -20.22
N ASN B 190 -0.22 10.37 -21.17
CA ASN B 190 0.98 10.47 -22.00
C ASN B 190 0.60 11.16 -23.31
N MET B 191 0.96 12.41 -23.38
CA MET B 191 0.63 13.29 -24.50
C MET B 191 0.78 12.63 -25.86
N ARG B 192 1.86 11.89 -26.07
CA ARG B 192 2.07 11.24 -27.36
C ARG B 192 1.00 10.23 -27.67
N THR B 193 0.27 9.87 -26.64
CA THR B 193 -0.73 8.84 -26.76
C THR B 193 -2.12 9.33 -26.41
N ASN B 194 -2.22 9.62 -25.12
CA ASN B 194 -3.38 10.02 -24.33
C ASN B 194 -3.74 11.44 -24.69
N ASN B 195 -4.93 11.79 -24.09
CA ASN B 195 -5.60 13.12 -24.12
C ASN B 195 -6.29 13.29 -22.77
N THR B 196 -6.81 12.15 -22.31
CA THR B 196 -7.55 12.01 -21.04
C THR B 196 -7.24 10.69 -20.30
N ALA B 197 -7.85 10.65 -19.12
CA ALA B 197 -7.82 9.54 -18.14
C ALA B 197 -9.18 9.48 -17.43
N THR B 198 -9.77 8.30 -17.41
CA THR B 198 -11.08 8.08 -16.78
C THR B 198 -11.01 6.94 -15.77
N ILE B 199 -11.51 7.20 -14.58
CA ILE B 199 -11.50 6.21 -13.50
C ILE B 199 -12.84 6.14 -12.79
N VAL B 200 -13.43 4.95 -12.77
CA VAL B 200 -14.71 4.75 -12.12
C VAL B 200 -14.42 4.18 -10.73
N VAL B 201 -14.87 4.90 -9.71
CA VAL B 201 -14.64 4.56 -8.30
C VAL B 201 -15.87 4.10 -7.52
N PRO B 202 -15.85 2.86 -7.01
CA PRO B 202 -16.99 2.35 -6.23
C PRO B 202 -16.80 2.85 -4.80
N TYR B 203 -17.80 2.64 -3.95
CA TYR B 203 -17.70 3.07 -2.58
C TYR B 203 -16.81 2.09 -1.82
N ILE B 204 -15.74 2.59 -1.20
CA ILE B 204 -14.80 1.76 -0.45
C ILE B 204 -14.71 2.30 0.97
N ASN B 205 -15.11 1.50 1.95
CA ASN B 205 -15.08 1.96 3.33
C ASN B 205 -15.30 0.77 4.26
N SER B 206 -14.95 0.94 5.54
CA SER B 206 -15.13 -0.14 6.50
C SER B 206 -16.51 -0.10 7.17
N VAL B 207 -17.28 0.94 6.84
CA VAL B 207 -18.64 1.11 7.35
C VAL B 207 -19.58 1.25 6.15
N PRO B 208 -20.84 0.81 6.24
CA PRO B 208 -21.77 0.85 5.12
C PRO B 208 -21.97 2.24 4.60
N ILE B 209 -22.25 3.14 5.51
CA ILE B 209 -22.46 4.56 5.22
C ILE B 209 -21.61 5.37 6.18
N ASP B 210 -21.38 6.62 5.85
CA ASP B 210 -20.51 7.48 6.68
C ASP B 210 -20.86 8.95 6.57
N SER B 211 -20.12 9.72 7.36
CA SER B 211 -20.22 11.18 7.39
C SER B 211 -19.39 11.73 6.24
N MET B 212 -20.02 12.52 5.37
CA MET B 212 -19.30 13.08 4.23
C MET B 212 -18.43 14.28 4.52
N THR B 213 -18.54 14.84 5.72
CA THR B 213 -17.74 16.00 6.04
C THR B 213 -16.53 15.73 6.92
N ARG B 214 -16.61 14.77 7.83
CA ARG B 214 -15.46 14.53 8.68
C ARG B 214 -14.55 13.44 8.12
N HIS B 215 -14.84 12.96 6.94
CA HIS B 215 -14.04 11.89 6.35
C HIS B 215 -14.12 11.87 4.82
N ASN B 216 -12.94 11.93 4.25
CA ASN B 216 -12.72 11.83 2.81
C ASN B 216 -12.32 10.39 2.51
N ASN B 217 -13.03 9.78 1.60
CA ASN B 217 -12.82 8.37 1.26
C ASN B 217 -11.66 8.18 0.29
N VAL B 218 -11.41 9.19 -0.50
CA VAL B 218 -10.34 9.14 -1.50
C VAL B 218 -9.85 10.52 -1.84
N SER B 219 -8.70 10.51 -2.44
CA SER B 219 -8.04 11.72 -2.91
C SER B 219 -7.45 11.45 -4.26
N LEU B 220 -7.96 12.18 -5.23
CA LEU B 220 -7.50 12.11 -6.61
C LEU B 220 -6.20 12.88 -6.72
N MET B 221 -5.20 12.23 -7.27
CA MET B 221 -3.89 12.84 -7.41
C MET B 221 -3.42 12.86 -8.85
N VAL B 222 -3.06 14.03 -9.32
CA VAL B 222 -2.55 14.21 -10.67
C VAL B 222 -1.11 14.69 -10.48
N VAL B 223 -0.16 13.87 -10.89
CA VAL B 223 1.26 14.17 -10.70
C VAL B 223 2.12 14.12 -11.95
N PRO B 224 2.74 15.25 -12.34
CA PRO B 224 3.60 15.23 -13.53
C PRO B 224 4.78 14.35 -13.22
N ILE B 225 5.07 13.39 -14.07
CA ILE B 225 6.23 12.51 -13.86
C ILE B 225 7.33 12.91 -14.83
N ALA B 226 6.95 12.93 -16.08
CA ALA B 226 7.82 13.38 -17.16
C ALA B 226 7.55 14.86 -17.33
N PRO B 227 8.53 15.74 -17.21
CA PRO B 227 8.26 17.15 -17.31
C PRO B 227 7.65 17.50 -18.62
N LEU B 228 6.83 18.53 -18.58
CA LEU B 228 6.17 19.07 -19.78
C LEU B 228 7.24 19.77 -20.59
N ASN B 229 7.31 19.43 -21.86
CA ASN B 229 8.31 20.01 -22.75
C ASN B 229 7.57 20.42 -24.01
N ALA B 230 7.34 21.72 -24.16
CA ALA B 230 6.62 22.24 -25.31
C ALA B 230 7.52 22.52 -26.50
N PRO B 231 6.95 22.55 -27.72
CA PRO B 231 7.79 22.83 -28.88
C PRO B 231 8.36 24.24 -28.85
N THR B 232 9.42 24.44 -29.62
CA THR B 232 10.09 25.74 -29.67
C THR B 232 9.16 26.85 -30.16
N GLY B 233 9.01 27.87 -29.33
CA GLY B 233 8.15 28.98 -29.70
C GLY B 233 6.71 28.78 -29.27
N SER B 234 6.44 27.64 -28.70
CA SER B 234 5.10 27.33 -28.19
C SER B 234 5.00 27.84 -26.76
N SER B 235 3.78 27.97 -26.28
CA SER B 235 3.54 28.42 -24.91
C SER B 235 4.04 27.36 -23.93
N PRO B 236 4.90 27.71 -22.99
CA PRO B 236 5.46 26.77 -22.04
C PRO B 236 4.48 26.10 -21.08
N THR B 237 3.17 26.28 -21.20
CA THR B 237 2.22 25.66 -20.23
C THR B 237 1.00 25.06 -20.93
N LEU B 238 0.30 24.26 -20.19
CA LEU B 238 -0.90 23.54 -20.64
C LEU B 238 -1.87 23.47 -19.47
N PRO B 239 -3.17 23.70 -19.71
CA PRO B 239 -4.07 23.61 -18.56
C PRO B 239 -4.51 22.16 -18.31
N VAL B 240 -4.87 21.86 -17.06
CA VAL B 240 -5.32 20.53 -16.70
C VAL B 240 -6.73 20.68 -16.13
N THR B 241 -7.70 20.03 -16.74
CA THR B 241 -9.07 20.13 -16.24
C THR B 241 -9.58 18.80 -15.69
N VAL B 242 -10.29 18.88 -14.57
CA VAL B 242 -10.84 17.71 -13.88
C VAL B 242 -12.37 17.81 -13.81
N THR B 243 -13.04 16.85 -14.43
CA THR B 243 -14.50 16.79 -14.42
C THR B 243 -14.89 15.53 -13.63
N ILE B 244 -15.81 15.68 -12.67
CA ILE B 244 -16.21 14.57 -11.79
C ILE B 244 -17.71 14.39 -11.61
N ALA B 245 -18.19 13.15 -11.74
CA ALA B 245 -19.61 12.86 -11.58
C ALA B 245 -19.93 11.84 -10.51
N PRO B 246 -20.70 12.25 -9.49
CA PRO B 246 -21.06 11.30 -8.43
C PRO B 246 -21.99 10.25 -9.02
N MET B 247 -21.81 8.98 -8.65
CA MET B 247 -22.69 7.95 -9.14
C MET B 247 -23.20 7.02 -8.06
N CYS B 248 -24.51 6.78 -8.09
CA CYS B 248 -25.21 5.94 -7.13
C CYS B 248 -25.25 6.61 -5.75
N THR B 249 -25.42 7.93 -5.74
CA THR B 249 -25.44 8.67 -4.48
C THR B 249 -26.67 8.43 -3.61
N GLU B 250 -26.44 8.28 -2.31
CA GLU B 250 -27.48 8.05 -1.30
C GLU B 250 -27.21 8.97 -0.12
N PHE B 251 -28.28 9.48 0.49
CA PHE B 251 -28.15 10.37 1.65
C PHE B 251 -29.09 9.90 2.77
N THR B 252 -28.76 10.22 4.02
CA THR B 252 -29.60 9.84 5.15
C THR B 252 -29.32 10.69 6.37
N GLY B 253 -30.21 10.61 7.36
CA GLY B 253 -30.05 11.37 8.57
C GLY B 253 -30.26 12.84 8.26
N ILE B 254 -31.33 13.10 7.51
CA ILE B 254 -31.62 14.47 7.16
C ILE B 254 -32.02 15.29 8.36
N ARG B 255 -31.59 16.54 8.38
CA ARG B 255 -31.87 17.44 9.47
C ARG B 255 -31.48 18.85 9.04
N SER B 256 -31.06 19.64 10.01
CA SER B 256 -30.62 20.99 9.77
C SER B 256 -29.21 20.92 9.23
N ARG B 257 -28.85 22.00 8.57
CA ARG B 257 -27.56 22.14 7.96
C ARG B 257 -26.34 21.94 8.85
N SER B 258 -25.54 20.97 8.46
CA SER B 258 -24.31 20.61 9.15
C SER B 258 -23.46 21.89 9.29
N ILE B 259 -22.81 22.04 10.45
CA ILE B 259 -21.99 23.23 10.71
C ILE B 259 -20.51 22.85 10.76
N VAL B 260 -19.75 23.34 9.78
CA VAL B 260 -18.31 23.03 9.67
C VAL B 260 -17.43 24.28 9.78
N PRO B 261 -16.18 24.04 10.19
CA PRO B 261 -15.20 25.09 10.48
C PRO B 261 -14.82 25.97 9.32
N GLN B 262 -14.88 27.28 9.62
CA GLN B 262 -14.39 28.34 8.73
C GLN B 262 -15.20 29.64 8.70
N GLY C 1 -7.23 -40.55 35.85
CA GLY C 1 -5.95 -39.94 36.06
C GLY C 1 -4.92 -40.60 35.13
N LEU C 2 -5.10 -40.21 33.88
CA LEU C 2 -4.39 -40.66 32.67
C LEU C 2 -2.89 -40.35 32.68
N PRO C 3 -2.04 -41.39 32.81
CA PRO C 3 -0.59 -41.23 32.81
C PRO C 3 -0.01 -40.65 31.52
N THR C 4 0.78 -39.58 31.67
CA THR C 4 1.46 -38.89 30.54
C THR C 4 2.95 -38.69 30.81
N THR C 5 3.65 -38.22 29.78
CA THR C 5 5.06 -37.91 29.86
C THR C 5 5.24 -36.64 29.05
N THR C 6 5.81 -35.60 29.67
CA THR C 6 6.01 -34.35 28.97
C THR C 6 7.31 -34.39 28.18
N LEU C 7 7.33 -33.80 26.99
CA LEU C 7 8.49 -33.82 26.11
C LEU C 7 9.38 -32.58 26.08
N PRO C 8 10.59 -32.70 25.50
CA PRO C 8 11.48 -31.55 25.42
C PRO C 8 10.74 -30.46 24.67
N GLY C 9 10.91 -29.22 25.08
CA GLY C 9 10.22 -28.13 24.43
C GLY C 9 8.98 -27.71 25.18
N SER C 10 8.56 -28.51 26.15
CA SER C 10 7.37 -28.20 26.94
C SER C 10 7.49 -26.83 27.61
N GLY C 11 6.52 -25.96 27.34
CA GLY C 11 6.52 -24.63 27.92
C GLY C 11 7.18 -23.55 27.07
N GLN C 12 7.75 -23.94 25.94
CA GLN C 12 8.41 -22.94 25.08
C GLN C 12 7.40 -22.09 24.34
N PHE C 13 7.82 -20.90 23.94
CA PHE C 13 6.95 -20.01 23.19
C PHE C 13 7.62 -19.73 21.84
N LEU C 14 7.20 -20.49 20.86
CA LEU C 14 7.72 -20.38 19.50
C LEU C 14 6.75 -19.49 18.77
N THR C 15 7.18 -18.28 18.44
CA THR C 15 6.33 -17.30 17.78
C THR C 15 5.66 -17.81 16.51
N THR C 16 6.13 -18.91 16.02
CA THR C 16 5.66 -19.41 14.73
C THR C 16 4.69 -20.60 14.81
N ASP C 17 4.37 -21.07 16.01
CA ASP C 17 3.41 -22.21 16.18
C ASP C 17 1.99 -21.72 15.91
N ASP C 18 1.05 -22.65 15.75
CA ASP C 18 -0.33 -22.33 15.47
C ASP C 18 -1.26 -23.27 16.25
N ARG C 19 -1.73 -22.85 17.44
CA ARG C 19 -2.62 -23.68 18.26
C ARG C 19 -3.85 -22.93 18.78
N GLN C 20 -4.77 -23.64 19.42
CA GLN C 20 -5.98 -23.04 19.98
C GLN C 20 -5.66 -22.43 21.34
N SER C 21 -6.45 -21.45 21.74
CA SER C 21 -6.31 -20.80 23.04
C SER C 21 -7.68 -20.35 23.47
N PRO C 22 -7.88 -20.16 24.78
CA PRO C 22 -9.19 -19.72 25.25
C PRO C 22 -9.45 -18.27 24.85
N SER C 23 -10.71 -17.96 24.55
CA SER C 23 -11.11 -16.61 24.18
C SER C 23 -11.34 -15.83 25.46
N ALA C 24 -10.71 -14.66 25.57
CA ALA C 24 -10.85 -13.81 26.75
C ALA C 24 -12.22 -13.16 26.78
N LEU C 25 -12.87 -13.11 25.63
CA LEU C 25 -14.21 -12.53 25.57
C LEU C 25 -15.13 -13.63 25.11
N PRO C 26 -15.56 -14.50 26.03
CA PRO C 26 -16.46 -15.56 25.62
C PRO C 26 -17.85 -15.00 25.35
N SER C 27 -18.53 -15.55 24.34
CA SER C 27 -19.89 -15.16 23.96
C SER C 27 -20.04 -13.86 23.16
N TYR C 28 -18.91 -13.24 22.85
CA TYR C 28 -18.88 -12.00 22.12
C TYR C 28 -19.20 -12.13 20.62
N GLU C 29 -20.01 -11.21 20.12
CA GLU C 29 -20.43 -11.19 18.72
C GLU C 29 -19.78 -10.10 17.87
N PRO C 30 -18.86 -10.49 16.98
CA PRO C 30 -18.16 -9.54 16.10
C PRO C 30 -19.08 -8.84 15.11
N THR C 31 -18.72 -7.62 14.73
CA THR C 31 -19.53 -6.85 13.77
C THR C 31 -19.63 -7.66 12.48
N PRO C 32 -20.79 -7.59 11.79
CA PRO C 32 -21.00 -8.32 10.55
C PRO C 32 -20.06 -7.79 9.49
N ARG C 33 -19.60 -8.65 8.59
CA ARG C 33 -18.75 -8.19 7.52
C ARG C 33 -19.59 -7.55 6.43
N ILE C 34 -19.09 -6.48 5.91
CA ILE C 34 -19.71 -5.79 4.79
C ILE C 34 -18.79 -5.95 3.61
N HIS C 35 -19.34 -5.84 2.43
CA HIS C 35 -18.55 -5.99 1.22
C HIS C 35 -17.63 -4.80 1.04
N ILE C 36 -16.40 -5.13 0.75
CA ILE C 36 -15.33 -4.16 0.52
C ILE C 36 -14.49 -4.55 -0.68
N PRO C 37 -14.51 -3.80 -1.78
CA PRO C 37 -13.71 -4.14 -2.93
C PRO C 37 -12.24 -4.11 -2.60
N GLY C 38 -11.48 -4.90 -3.37
CA GLY C 38 -10.01 -4.96 -3.32
C GLY C 38 -9.45 -5.93 -2.27
N LYS C 39 -10.00 -7.11 -2.21
CA LYS C 39 -9.56 -8.14 -1.25
C LYS C 39 -8.25 -8.79 -1.73
N VAL C 40 -7.27 -8.81 -0.83
CA VAL C 40 -5.94 -9.41 -1.10
C VAL C 40 -5.84 -10.74 -0.35
N ARG C 41 -5.56 -11.82 -1.08
CA ARG C 41 -5.45 -13.14 -0.48
C ARG C 41 -4.01 -13.65 -0.36
N ASN C 42 -3.20 -13.30 -1.34
CA ASN C 42 -1.81 -13.73 -1.39
C ASN C 42 -0.94 -12.58 -1.87
N LEU C 43 0.29 -12.48 -1.38
CA LEU C 43 1.19 -11.40 -1.78
C LEU C 43 1.62 -11.53 -3.23
N LEU C 44 1.50 -12.74 -3.78
CA LEU C 44 1.85 -13.00 -5.16
C LEU C 44 0.86 -12.37 -6.12
N GLU C 45 -0.21 -11.91 -5.54
CA GLU C 45 -1.27 -11.27 -6.30
C GLU C 45 -0.88 -9.85 -6.67
N ILE C 46 -0.23 -9.18 -5.73
CA ILE C 46 0.11 -7.77 -5.90
C ILE C 46 1.48 -7.54 -6.56
N ILE C 47 2.40 -8.49 -6.52
CA ILE C 47 3.71 -8.25 -7.14
C ILE C 47 3.62 -8.44 -8.65
N GLN C 48 2.44 -8.80 -9.14
CA GLN C 48 2.21 -9.00 -10.57
C GLN C 48 1.87 -7.65 -11.21
N VAL C 49 1.68 -6.65 -10.36
CA VAL C 49 1.40 -5.27 -10.72
C VAL C 49 2.73 -4.58 -10.92
N GLY C 50 2.92 -3.93 -12.07
CA GLY C 50 4.17 -3.24 -12.29
C GLY C 50 4.21 -1.87 -11.63
N THR C 51 5.35 -1.52 -11.06
CA THR C 51 5.58 -0.23 -10.41
C THR C 51 6.86 0.30 -11.00
N LEU C 52 7.05 1.62 -10.94
CA LEU C 52 8.23 2.26 -11.49
C LEU C 52 9.53 1.92 -10.78
N ILE C 53 10.60 1.81 -11.57
CA ILE C 53 11.94 1.52 -11.07
C ILE C 53 12.68 2.84 -11.05
N PRO C 54 13.34 3.18 -9.93
CA PRO C 54 14.08 4.44 -9.91
C PRO C 54 15.43 4.17 -10.58
N MET C 55 15.41 4.00 -11.90
CA MET C 55 16.64 3.69 -12.61
C MET C 55 17.64 4.84 -12.69
N ASN C 56 17.18 6.07 -12.63
CA ASN C 56 18.11 7.20 -12.65
C ASN C 56 18.60 7.46 -11.22
N ASN C 57 19.26 6.43 -10.71
CA ASN C 57 19.79 6.37 -9.35
C ASN C 57 20.76 7.51 -9.04
N THR C 58 21.18 8.20 -10.07
CA THR C 58 22.13 9.31 -9.94
C THR C 58 21.54 10.46 -9.13
N GLY C 59 22.36 10.96 -8.21
CA GLY C 59 21.99 12.11 -7.38
C GLY C 59 22.38 11.88 -5.94
N THR C 60 21.84 12.72 -5.09
CA THR C 60 22.11 12.67 -3.67
C THR C 60 20.83 12.50 -2.87
N ASN C 61 19.77 13.14 -3.34
CA ASN C 61 18.47 13.09 -2.69
C ASN C 61 17.42 12.48 -3.62
N ASP C 62 16.47 11.80 -3.01
CA ASP C 62 15.35 11.22 -3.75
C ASP C 62 14.64 12.36 -4.45
N ASN C 63 14.23 12.11 -5.67
CA ASN C 63 13.56 13.14 -6.44
C ASN C 63 12.90 12.46 -7.65
N VAL C 64 11.74 12.98 -8.05
CA VAL C 64 10.97 12.41 -9.18
C VAL C 64 11.78 12.11 -10.43
N THR C 65 12.98 12.67 -10.51
CA THR C 65 13.84 12.48 -11.66
C THR C 65 14.57 11.13 -11.63
N ASN C 66 14.43 10.40 -10.54
CA ASN C 66 15.08 9.10 -10.38
C ASN C 66 14.36 8.05 -11.22
N TYR C 67 13.12 8.35 -11.54
CA TYR C 67 12.30 7.43 -12.31
C TYR C 67 12.39 7.68 -13.80
N LEU C 68 13.08 8.74 -14.17
CA LEU C 68 13.22 9.15 -15.56
C LEU C 68 14.55 8.77 -16.20
N ILE C 69 14.48 7.93 -17.23
CA ILE C 69 15.64 7.49 -17.96
C ILE C 69 15.86 8.45 -19.13
N PRO C 70 16.99 9.18 -19.14
CA PRO C 70 17.26 10.13 -20.23
C PRO C 70 17.65 9.49 -21.56
N LEU C 71 17.14 10.07 -22.62
CA LEU C 71 17.38 9.62 -23.98
C LEU C 71 17.90 10.82 -24.78
N HIS C 72 18.90 10.59 -25.62
CA HIS C 72 19.48 11.65 -26.42
C HIS C 72 19.38 11.36 -27.90
N ALA C 73 19.02 12.39 -28.59
CA ALA C 73 18.83 12.38 -30.03
C ALA C 73 20.16 12.38 -30.75
N ASP C 74 20.12 11.72 -31.88
CA ASP C 74 21.23 11.61 -32.82
C ASP C 74 22.46 10.91 -32.24
N ARG C 75 22.27 10.14 -31.19
CA ARG C 75 23.34 9.31 -30.61
C ARG C 75 23.18 7.93 -31.23
N GLN C 76 24.27 7.30 -31.58
CA GLN C 76 24.23 5.98 -32.24
C GLN C 76 25.16 4.99 -31.51
N ASN C 77 24.68 3.77 -31.38
CA ASN C 77 25.45 2.65 -30.79
C ASN C 77 25.62 2.76 -29.27
N GLU C 78 25.20 3.87 -28.71
CA GLU C 78 25.40 4.20 -27.27
C GLU C 78 24.49 3.39 -26.33
N GLN C 79 24.95 3.38 -25.06
CA GLN C 79 24.29 2.70 -23.92
C GLN C 79 23.41 3.67 -23.13
N ILE C 80 22.22 3.19 -22.83
CA ILE C 80 21.18 3.98 -22.16
C ILE C 80 21.16 3.74 -20.64
N PHE C 81 21.33 2.48 -20.24
CA PHE C 81 21.38 2.13 -18.82
C PHE C 81 21.92 0.73 -18.62
N GLY C 82 22.31 0.43 -17.39
CA GLY C 82 22.82 -0.88 -17.07
C GLY C 82 22.51 -1.09 -15.60
N THR C 83 22.39 -2.35 -15.19
CA THR C 83 22.12 -2.66 -13.80
C THR C 83 22.23 -4.15 -13.60
N LYS C 84 22.55 -4.53 -12.38
CA LYS C 84 22.63 -5.94 -12.04
C LYS C 84 21.22 -6.36 -11.72
N LEU C 85 21.00 -7.66 -11.68
CA LEU C 85 19.70 -8.18 -11.36
C LEU C 85 19.62 -8.70 -9.93
N TYR C 86 19.75 -7.76 -9.02
CA TYR C 86 19.62 -8.00 -7.58
C TYR C 86 18.35 -7.29 -7.13
N ILE C 87 17.28 -8.05 -7.11
CA ILE C 87 15.93 -7.55 -6.81
C ILE C 87 15.76 -7.14 -5.35
N GLY C 88 16.65 -7.60 -4.50
CA GLY C 88 16.59 -7.27 -3.06
C GLY C 88 17.53 -6.11 -2.77
N ASP C 89 18.16 -5.62 -3.82
CA ASP C 89 19.13 -4.54 -3.68
C ASP C 89 19.15 -3.60 -4.88
N GLY C 90 20.04 -2.61 -4.81
CA GLY C 90 20.19 -1.66 -5.90
C GLY C 90 18.92 -0.94 -6.27
N VAL C 91 18.72 -0.74 -7.57
CA VAL C 91 17.54 -0.03 -8.05
C VAL C 91 16.19 -0.68 -7.72
N PHE C 92 16.17 -1.96 -7.47
CA PHE C 92 14.90 -2.68 -7.25
C PHE C 92 14.47 -2.74 -5.78
N LYS C 93 15.35 -2.35 -4.90
CA LYS C 93 15.13 -2.44 -3.45
C LYS C 93 13.88 -1.69 -2.95
N THR C 94 13.56 -0.54 -3.54
CA THR C 94 12.44 0.29 -3.08
C THR C 94 11.13 -0.01 -3.79
N THR C 95 11.22 -0.70 -4.93
CA THR C 95 10.05 -1.03 -5.73
C THR C 95 9.13 -1.93 -4.92
N LEU C 96 7.91 -2.10 -5.39
CA LEU C 96 6.97 -2.96 -4.67
C LEU C 96 7.43 -4.42 -4.67
N LEU C 97 7.96 -4.91 -5.79
CA LEU C 97 8.45 -6.28 -5.90
C LEU C 97 9.60 -6.51 -4.94
N GLY C 98 10.61 -5.64 -5.05
CA GLY C 98 11.79 -5.76 -4.21
C GLY C 98 11.44 -5.55 -2.75
N GLU C 99 10.44 -4.73 -2.51
CA GLU C 99 9.99 -4.41 -1.16
C GLU C 99 9.41 -5.68 -0.52
N ILE C 100 8.57 -6.40 -1.26
CA ILE C 100 7.94 -7.61 -0.75
C ILE C 100 8.87 -8.82 -0.82
N ALA C 101 9.79 -8.81 -1.79
CA ALA C 101 10.73 -9.91 -1.92
C ALA C 101 11.60 -9.97 -0.68
N GLN C 102 11.89 -8.80 -0.09
CA GLN C 102 12.74 -8.74 1.10
C GLN C 102 12.10 -9.26 2.39
N TYR C 103 10.87 -9.75 2.31
CA TYR C 103 10.20 -10.35 3.47
C TYR C 103 10.38 -11.86 3.35
N TYR C 104 11.01 -12.28 2.26
CA TYR C 104 11.26 -13.69 2.02
C TYR C 104 12.73 -13.93 1.72
N THR C 105 13.17 -15.15 1.96
CA THR C 105 14.56 -15.52 1.75
C THR C 105 14.92 -15.99 0.33
N HIS C 106 14.07 -16.82 -0.26
CA HIS C 106 14.34 -17.34 -1.59
C HIS C 106 13.37 -16.78 -2.61
N TRP C 107 13.81 -16.73 -3.86
CA TRP C 107 12.95 -16.27 -4.94
C TRP C 107 13.27 -17.12 -6.17
N SER C 108 12.29 -17.20 -7.07
CA SER C 108 12.42 -17.97 -8.29
C SER C 108 11.32 -17.47 -9.21
N GLY C 109 11.59 -17.45 -10.52
CA GLY C 109 10.56 -17.01 -11.44
C GLY C 109 11.04 -16.07 -12.52
N SER C 110 10.14 -15.72 -13.42
CA SER C 110 10.46 -14.81 -14.50
C SER C 110 10.04 -13.40 -14.13
N LEU C 111 10.77 -12.41 -14.63
CA LEU C 111 10.50 -11.02 -14.34
C LEU C 111 9.98 -10.26 -15.56
N ARG C 112 9.20 -9.22 -15.31
CA ARG C 112 8.66 -8.43 -16.39
C ARG C 112 9.15 -7.00 -16.29
N ILE C 113 9.75 -6.53 -17.38
CA ILE C 113 10.25 -5.17 -17.47
C ILE C 113 9.58 -4.49 -18.64
N SER C 114 8.91 -3.38 -18.36
CA SER C 114 8.28 -2.63 -19.42
C SER C 114 8.99 -1.29 -19.48
N LEU C 115 9.10 -0.75 -20.68
CA LEU C 115 9.72 0.55 -20.90
C LEU C 115 8.67 1.38 -21.63
N MET C 116 8.22 2.47 -21.01
CA MET C 116 7.22 3.32 -21.65
C MET C 116 7.83 4.62 -22.16
N TYR C 117 7.64 4.87 -23.46
CA TYR C 117 8.16 6.05 -24.13
C TYR C 117 7.27 7.28 -23.92
N THR C 118 7.86 8.39 -23.52
CA THR C 118 7.09 9.62 -23.29
C THR C 118 7.43 10.77 -24.23
N GLY C 119 8.37 10.56 -25.16
CA GLY C 119 8.77 11.61 -26.10
C GLY C 119 7.65 12.06 -27.03
N PRO C 120 7.84 13.08 -27.86
CA PRO C 120 6.76 13.52 -28.76
C PRO C 120 6.24 12.40 -29.66
N ALA C 121 5.02 12.59 -30.18
CA ALA C 121 4.42 11.61 -31.07
C ALA C 121 5.15 11.63 -32.41
N LEU C 122 5.62 12.81 -32.81
CA LEU C 122 6.29 12.96 -34.08
C LEU C 122 7.78 12.59 -34.09
N SER C 123 8.21 11.81 -33.08
CA SER C 123 9.60 11.36 -33.01
C SER C 123 9.64 9.87 -33.31
N SER C 124 10.85 9.34 -33.49
CA SER C 124 11.02 7.93 -33.77
C SER C 124 12.28 7.40 -33.10
N ALA C 125 12.34 6.08 -32.94
CA ALA C 125 13.50 5.44 -32.34
C ALA C 125 13.32 3.93 -32.33
N LYS C 126 14.46 3.30 -32.20
CA LYS C 126 14.58 1.85 -32.13
C LYS C 126 15.60 1.53 -31.06
N ILE C 127 15.14 0.91 -30.01
CA ILE C 127 15.98 0.58 -28.86
C ILE C 127 16.13 -0.93 -28.69
N ILE C 128 17.17 -1.32 -27.98
CA ILE C 128 17.42 -2.73 -27.73
C ILE C 128 17.61 -3.00 -26.25
N LEU C 129 16.73 -3.85 -25.72
CA LEU C 129 16.74 -4.22 -24.32
C LEU C 129 17.34 -5.61 -24.22
N ALA C 130 18.27 -5.80 -23.29
CA ALA C 130 18.93 -7.09 -23.16
C ALA C 130 19.11 -7.62 -21.75
N TYR C 131 19.08 -8.95 -21.66
CA TYR C 131 19.27 -9.66 -20.42
C TYR C 131 20.45 -10.57 -20.65
N THR C 132 21.47 -10.42 -19.83
CA THR C 132 22.66 -11.23 -19.92
C THR C 132 22.64 -12.18 -18.74
N PRO C 133 22.49 -13.49 -19.01
CA PRO C 133 22.45 -14.51 -17.95
C PRO C 133 23.75 -14.47 -17.13
N PRO C 134 23.77 -15.12 -15.96
CA PRO C 134 24.98 -15.11 -15.14
C PRO C 134 26.14 -15.83 -15.82
N GLY C 135 27.37 -15.59 -15.36
CA GLY C 135 28.49 -16.27 -15.95
C GLY C 135 29.53 -15.37 -16.61
N THR C 136 29.15 -14.14 -16.90
CA THR C 136 30.09 -13.19 -17.50
C THR C 136 29.92 -11.82 -16.88
N ARG C 137 30.57 -10.89 -17.52
CA ARG C 137 30.52 -9.48 -17.14
C ARG C 137 29.38 -8.82 -17.89
N GLY C 138 28.97 -7.68 -17.40
CA GLY C 138 27.92 -6.92 -18.06
C GLY C 138 28.39 -6.59 -19.46
N PRO C 139 27.53 -6.58 -20.49
CA PRO C 139 27.98 -6.27 -21.83
C PRO C 139 28.62 -4.92 -21.84
N GLU C 140 29.59 -4.75 -22.72
CA GLU C 140 30.34 -3.49 -22.83
C GLU C 140 29.91 -2.72 -24.06
N ASP C 141 29.17 -3.40 -24.92
CA ASP C 141 28.66 -2.77 -26.10
C ASP C 141 27.47 -3.57 -26.57
N LYS C 142 26.72 -2.97 -27.49
CA LYS C 142 25.54 -3.55 -28.07
C LYS C 142 25.83 -4.90 -28.71
N LYS C 143 27.03 -5.07 -29.29
CA LYS C 143 27.37 -6.31 -29.96
C LYS C 143 27.39 -7.46 -28.97
N GLU C 144 28.00 -7.22 -27.84
CA GLU C 144 28.13 -8.20 -26.77
C GLU C 144 26.75 -8.51 -26.20
N ALA C 145 25.97 -7.44 -26.03
CA ALA C 145 24.64 -7.50 -25.47
C ALA C 145 23.62 -8.31 -26.25
N MET C 146 23.58 -8.07 -27.56
CA MET C 146 22.63 -8.72 -28.44
C MET C 146 22.83 -10.23 -28.55
N LEU C 147 23.92 -10.73 -27.98
CA LEU C 147 24.21 -12.15 -28.01
C LEU C 147 23.40 -12.91 -26.98
N GLY C 148 22.65 -12.17 -26.18
CA GLY C 148 21.83 -12.78 -25.15
C GLY C 148 20.37 -12.48 -25.39
N THR C 149 19.56 -12.74 -24.37
CA THR C 149 18.14 -12.50 -24.43
C THR C 149 17.91 -11.02 -24.64
N HIS C 150 17.24 -10.66 -25.73
CA HIS C 150 17.02 -9.25 -25.99
C HIS C 150 15.75 -9.02 -26.79
N VAL C 151 15.31 -7.77 -26.81
CA VAL C 151 14.13 -7.37 -27.55
C VAL C 151 14.42 -6.09 -28.30
N VAL C 152 14.12 -6.05 -29.60
CA VAL C 152 14.31 -4.82 -30.36
C VAL C 152 12.97 -4.09 -30.33
N TRP C 153 13.01 -2.88 -29.79
CA TRP C 153 11.84 -2.04 -29.63
C TRP C 153 11.66 -0.99 -30.71
N ASP C 154 10.50 -0.99 -31.34
CA ASP C 154 10.20 0.00 -32.36
C ASP C 154 9.18 0.94 -31.74
N ILE C 155 9.60 2.17 -31.50
CA ILE C 155 8.75 3.18 -30.89
C ILE C 155 7.62 3.59 -31.85
N GLY C 156 6.38 3.57 -31.36
CA GLY C 156 5.24 3.93 -32.18
C GLY C 156 3.98 4.17 -31.34
N LEU C 157 2.83 3.87 -31.93
CA LEU C 157 1.54 4.03 -31.27
C LEU C 157 1.58 3.28 -29.93
N GLN C 158 1.94 2.01 -30.02
CA GLN C 158 2.09 1.17 -28.83
C GLN C 158 3.26 1.72 -28.03
N SER C 159 2.89 2.45 -27.01
CA SER C 159 3.80 3.22 -26.16
C SER C 159 4.80 2.40 -25.34
N THR C 160 4.43 1.20 -24.96
CA THR C 160 5.31 0.40 -24.09
C THR C 160 5.76 -0.90 -24.73
N ILE C 161 6.96 -1.29 -24.34
CA ILE C 161 7.55 -2.57 -24.72
C ILE C 161 7.68 -3.39 -23.46
N VAL C 162 7.41 -4.65 -23.59
CA VAL C 162 7.47 -5.56 -22.47
C VAL C 162 8.40 -6.71 -22.78
N MET C 163 9.36 -6.87 -21.93
CA MET C 163 10.34 -7.94 -22.02
C MET C 163 10.30 -8.75 -20.75
N THR C 164 10.21 -10.03 -20.92
CA THR C 164 10.22 -10.95 -19.80
C THR C 164 11.62 -11.52 -19.66
N ILE C 165 12.01 -11.64 -18.43
CA ILE C 165 13.30 -12.22 -18.11
C ILE C 165 13.07 -13.64 -17.67
N PRO C 166 13.18 -14.58 -18.59
CA PRO C 166 12.91 -15.98 -18.32
C PRO C 166 13.84 -16.54 -17.29
N TRP C 167 13.28 -17.34 -16.39
CA TRP C 167 14.06 -18.01 -15.34
C TRP C 167 15.20 -18.75 -16.05
N THR C 168 16.40 -18.20 -15.92
CA THR C 168 17.58 -18.78 -16.54
C THR C 168 18.48 -19.14 -15.37
N SER C 169 18.40 -20.38 -14.90
CA SER C 169 19.18 -20.77 -13.75
C SER C 169 19.42 -22.27 -13.60
N GLY C 170 20.52 -22.60 -12.94
CA GLY C 170 20.83 -23.99 -12.71
C GLY C 170 20.04 -24.44 -11.48
N VAL C 171 20.38 -23.82 -10.35
CA VAL C 171 19.70 -24.06 -9.08
C VAL C 171 18.29 -23.46 -9.21
N GLN C 172 17.34 -24.09 -8.55
CA GLN C 172 15.91 -23.73 -8.68
C GLN C 172 15.48 -22.48 -7.88
N PHE C 173 16.28 -22.04 -6.93
CA PHE C 173 15.95 -20.84 -6.12
C PHE C 173 17.20 -20.01 -5.93
N ARG C 174 17.02 -18.70 -5.92
CA ARG C 174 18.13 -17.78 -5.68
C ARG C 174 17.77 -17.04 -4.41
N TYR C 175 18.78 -16.46 -3.77
CA TYR C 175 18.57 -15.70 -2.56
C TYR C 175 18.23 -14.26 -2.93
N THR C 176 17.37 -13.65 -2.14
CA THR C 176 16.97 -12.26 -2.38
C THR C 176 18.10 -11.33 -1.96
N ASP C 177 18.77 -11.74 -0.90
CA ASP C 177 19.94 -11.02 -0.40
C ASP C 177 21.06 -11.25 -1.39
N PRO C 178 21.75 -10.21 -1.88
CA PRO C 178 22.77 -10.40 -2.88
C PRO C 178 23.84 -11.36 -2.44
N ASP C 179 23.88 -12.49 -3.16
CA ASP C 179 24.86 -13.59 -2.99
C ASP C 179 25.41 -13.94 -4.39
N THR C 180 26.73 -14.10 -4.48
CA THR C 180 27.38 -14.40 -5.76
C THR C 180 26.88 -15.66 -6.49
N TYR C 181 26.86 -16.81 -5.80
CA TYR C 181 26.42 -18.05 -6.45
C TYR C 181 25.03 -17.95 -7.07
N THR C 182 24.19 -17.17 -6.43
CA THR C 182 22.80 -17.00 -6.84
C THR C 182 22.53 -15.68 -7.54
N SER C 183 23.46 -15.20 -8.36
CA SER C 183 23.22 -13.95 -9.08
C SER C 183 22.39 -14.24 -10.33
N ALA C 184 21.61 -13.24 -10.77
CA ALA C 184 20.72 -13.40 -11.93
C ALA C 184 21.18 -12.82 -13.27
N GLY C 185 22.37 -12.27 -13.33
CA GLY C 185 22.83 -11.69 -14.57
C GLY C 185 22.66 -10.18 -14.61
N TYR C 186 22.79 -9.62 -15.81
CA TYR C 186 22.69 -8.18 -16.02
C TYR C 186 21.54 -7.79 -16.93
N LEU C 187 21.23 -6.51 -16.92
CA LEU C 187 20.18 -5.94 -17.76
C LEU C 187 20.73 -4.63 -18.33
N SER C 188 20.65 -4.45 -19.65
CA SER C 188 21.16 -3.24 -20.29
C SER C 188 20.32 -2.74 -21.47
N CYS C 189 20.52 -1.48 -21.84
CA CYS C 189 19.75 -0.85 -22.91
C CYS C 189 20.67 -0.01 -23.82
N TRP C 190 20.46 -0.10 -25.13
CA TRP C 190 21.28 0.61 -26.12
C TRP C 190 20.41 1.06 -27.30
N TYR C 191 20.92 1.96 -28.13
CA TYR C 191 20.18 2.43 -29.30
C TYR C 191 20.41 1.44 -30.46
N LEU C 192 19.36 0.91 -31.05
CA LEU C 192 19.57 0.00 -32.20
C LEU C 192 19.80 0.83 -33.44
N THR C 193 19.19 1.98 -33.43
CA THR C 193 19.35 2.99 -34.46
C THR C 193 19.71 4.31 -33.81
N SER C 194 18.69 4.96 -33.32
CA SER C 194 18.83 6.23 -32.64
C SER C 194 17.50 6.97 -32.60
N LEU C 195 17.41 7.85 -31.65
CA LEU C 195 16.23 8.68 -31.43
C LEU C 195 16.30 9.83 -32.43
N ILE C 196 15.17 10.10 -33.09
CA ILE C 196 15.09 11.15 -34.09
C ILE C 196 13.94 12.06 -33.70
N LEU C 197 14.23 13.32 -33.43
CA LEU C 197 13.19 14.29 -33.04
C LEU C 197 12.71 15.14 -34.22
N PRO C 198 11.44 15.57 -34.19
CA PRO C 198 10.94 16.39 -35.30
C PRO C 198 11.38 17.86 -35.14
N PRO C 199 11.24 18.65 -36.20
CA PRO C 199 11.61 20.08 -36.18
C PRO C 199 10.90 20.78 -35.04
N GLN C 200 11.51 21.82 -34.47
CA GLN C 200 10.89 22.58 -33.38
C GLN C 200 10.79 21.79 -32.07
N THR C 201 11.67 20.82 -31.91
CA THR C 201 11.70 19.97 -30.73
C THR C 201 13.15 19.85 -30.28
N SER C 202 13.39 19.79 -28.98
CA SER C 202 14.77 19.69 -28.51
C SER C 202 14.78 19.26 -27.06
N GLY C 203 15.96 18.94 -26.61
CA GLY C 203 16.18 18.52 -25.23
C GLY C 203 16.14 17.01 -25.12
N GLN C 204 15.93 16.57 -23.90
CA GLN C 204 15.87 15.16 -23.56
C GLN C 204 14.45 14.65 -23.47
N VAL C 205 14.35 13.39 -23.83
CA VAL C 205 13.13 12.61 -23.74
C VAL C 205 13.40 11.53 -22.72
N TYR C 206 12.37 11.09 -22.04
CA TYR C 206 12.55 10.12 -20.97
C TYR C 206 11.72 8.87 -21.16
N LEU C 207 12.27 7.86 -20.55
CA LEU C 207 11.70 6.53 -20.50
C LEU C 207 11.34 6.18 -19.06
N LEU C 208 10.18 5.59 -18.94
CA LEU C 208 9.68 5.10 -17.66
C LEU C 208 9.75 3.58 -17.69
N SER C 209 10.36 3.02 -16.69
CA SER C 209 10.51 1.56 -16.62
C SER C 209 9.78 1.00 -15.41
N PHE C 210 9.09 -0.09 -15.67
CA PHE C 210 8.29 -0.79 -14.66
C PHE C 210 8.82 -2.20 -14.41
N ILE C 211 8.65 -2.67 -13.18
CA ILE C 211 9.05 -4.02 -12.79
C ILE C 211 7.90 -4.74 -12.09
N SER C 212 7.69 -6.00 -12.46
CA SER C 212 6.67 -6.83 -11.83
C SER C 212 7.07 -8.28 -12.04
N ALA C 213 6.42 -9.18 -11.32
CA ALA C 213 6.72 -10.59 -11.45
C ALA C 213 5.70 -11.25 -12.39
N CYS C 214 6.15 -12.31 -13.06
CA CYS C 214 5.30 -13.09 -13.96
C CYS C 214 4.58 -14.14 -13.09
N PRO C 215 3.57 -14.84 -13.59
CA PRO C 215 2.87 -15.87 -12.81
C PRO C 215 3.77 -17.01 -12.40
N ASP C 216 4.94 -16.99 -13.01
CA ASP C 216 6.01 -17.98 -12.83
C ASP C 216 6.57 -17.99 -11.40
N PHE C 217 6.57 -16.80 -10.88
CA PHE C 217 7.17 -16.43 -9.60
C PHE C 217 6.76 -17.22 -8.36
N LYS C 218 7.77 -17.31 -7.50
CA LYS C 218 7.72 -17.96 -6.19
C LYS C 218 8.70 -17.25 -5.24
N LEU C 219 8.30 -17.21 -3.99
CA LEU C 219 9.05 -16.60 -2.87
C LEU C 219 8.86 -17.47 -1.62
N ARG C 220 9.95 -17.90 -0.99
CA ARG C 220 9.83 -18.72 0.23
C ARG C 220 10.77 -18.26 1.35
N LEU C 221 10.47 -18.80 2.52
CA LEU C 221 11.21 -18.58 3.78
C LEU C 221 11.10 -17.14 4.24
N MET C 222 9.98 -16.87 4.87
CA MET C 222 9.63 -15.55 5.38
C MET C 222 10.59 -15.07 6.46
N LYS C 223 10.99 -13.81 6.38
CA LYS C 223 11.91 -13.21 7.33
C LYS C 223 11.76 -11.70 7.45
N ASP C 224 12.47 -11.12 8.40
CA ASP C 224 12.42 -9.69 8.64
C ASP C 224 13.23 -8.88 7.65
N THR C 225 12.71 -7.70 7.31
CA THR C 225 13.36 -6.82 6.36
C THR C 225 14.41 -5.89 6.93
N GLN C 226 15.21 -5.36 6.01
CA GLN C 226 16.26 -4.41 6.31
C GLN C 226 15.77 -3.03 5.89
N THR C 227 14.53 -2.96 5.43
CA THR C 227 13.98 -1.69 4.99
C THR C 227 13.19 -0.92 6.04
N ILE C 228 13.37 -1.28 7.31
CA ILE C 228 12.70 -0.59 8.40
C ILE C 228 13.29 -0.98 9.75
N SER C 229 13.49 0.00 10.61
CA SER C 229 14.08 -0.23 11.91
C SER C 229 13.69 0.90 12.86
N GLN C 230 14.23 0.89 14.06
CA GLN C 230 13.94 1.95 15.02
C GLN C 230 14.89 1.89 16.21
N THR C 231 15.10 3.04 16.85
CA THR C 231 15.99 3.10 17.99
C THR C 231 15.24 3.12 19.32
N ASP C 232 14.00 3.58 19.27
CA ASP C 232 13.14 3.67 20.46
C ASP C 232 11.72 3.31 20.04
N ALA C 233 10.91 2.93 21.02
CA ALA C 233 9.52 2.58 20.75
C ALA C 233 8.82 3.92 20.52
N LEU C 234 7.79 3.92 19.69
CA LEU C 234 7.07 5.16 19.40
C LEU C 234 5.98 5.41 20.43
N THR C 235 5.53 6.65 20.53
CA THR C 235 4.45 7.00 21.46
C THR C 235 3.48 7.90 20.71
N GLU C 236 2.33 8.20 21.32
CA GLU C 236 1.36 9.07 20.69
C GLU C 236 1.88 10.51 20.78
N TYR D 26 -3.98 -35.27 8.93
CA TYR D 26 -3.77 -34.87 10.31
C TYR D 26 -5.12 -34.48 10.90
N THR D 27 -5.19 -34.47 12.21
CA THR D 27 -6.46 -34.23 12.89
C THR D 27 -6.45 -33.07 13.88
N VAL D 28 -7.62 -32.45 13.95
CA VAL D 28 -7.89 -31.31 14.81
C VAL D 28 -9.37 -31.24 15.18
N ILE D 29 -9.57 -31.15 16.46
CA ILE D 29 -10.88 -30.97 17.07
C ILE D 29 -10.79 -29.72 17.96
N ASN D 30 -11.80 -28.86 17.89
CA ASN D 30 -11.80 -27.64 18.68
C ASN D 30 -12.19 -27.90 20.12
N TYR D 31 -11.34 -27.44 21.02
CA TYR D 31 -11.55 -27.63 22.46
C TYR D 31 -12.31 -26.49 23.11
N TYR D 32 -12.55 -25.43 22.36
CA TYR D 32 -13.23 -24.26 22.90
C TYR D 32 -14.51 -23.91 22.17
N LYS D 33 -15.40 -23.21 22.88
CA LYS D 33 -16.69 -22.82 22.32
C LYS D 33 -16.64 -21.68 21.29
N ASP D 34 -15.81 -20.67 21.56
CA ASP D 34 -15.68 -19.51 20.67
C ASP D 34 -14.86 -19.72 19.42
N ALA D 35 -15.34 -19.20 18.31
CA ALA D 35 -14.63 -19.35 17.04
C ALA D 35 -13.26 -18.67 17.08
N ALA D 36 -13.11 -17.61 17.86
CA ALA D 36 -11.82 -16.93 17.92
C ALA D 36 -10.72 -17.86 18.42
N SER D 37 -11.06 -18.76 19.33
CA SER D 37 -10.12 -19.70 19.93
C SER D 37 -9.37 -20.63 18.98
N SER D 38 -9.94 -20.88 17.80
CA SER D 38 -9.35 -21.78 16.84
C SER D 38 -8.07 -21.23 16.22
N SER D 39 -7.29 -22.16 15.71
CA SER D 39 -6.01 -21.87 15.07
C SER D 39 -6.24 -21.28 13.67
N SER D 40 -5.15 -21.10 12.98
CA SER D 40 -5.10 -20.46 11.65
C SER D 40 -5.98 -21.12 10.60
N ALA D 41 -6.54 -20.23 9.80
CA ALA D 41 -7.38 -20.56 8.65
C ALA D 41 -6.47 -21.04 7.54
N GLY D 42 -7.02 -21.82 6.66
CA GLY D 42 -6.27 -22.44 5.58
C GLY D 42 -5.88 -21.43 4.49
N GLN D 43 -5.31 -21.99 3.42
CA GLN D 43 -4.88 -21.22 2.24
C GLN D 43 -6.08 -20.94 1.33
N SER D 44 -6.21 -19.68 0.99
CA SER D 44 -7.34 -19.12 0.22
C SER D 44 -7.61 -19.78 -1.15
N PHE D 45 -6.58 -20.17 -1.86
CA PHE D 45 -6.69 -20.84 -3.18
C PHE D 45 -7.67 -20.15 -4.13
N SER D 46 -7.90 -18.85 -3.93
CA SER D 46 -8.80 -18.13 -4.80
C SER D 46 -8.15 -16.79 -5.16
N MET D 47 -6.86 -16.90 -5.48
CA MET D 47 -6.04 -15.77 -5.89
C MET D 47 -6.61 -15.23 -7.20
N ASP D 48 -6.51 -13.93 -7.39
CA ASP D 48 -6.97 -13.30 -8.63
C ASP D 48 -6.35 -11.92 -8.80
N PRO D 49 -5.11 -11.86 -9.31
CA PRO D 49 -4.40 -10.61 -9.47
C PRO D 49 -5.07 -9.62 -10.40
N SER D 50 -6.08 -10.05 -11.12
CA SER D 50 -6.76 -9.21 -12.14
C SER D 50 -7.37 -7.92 -11.58
N LYS D 51 -7.99 -7.98 -10.42
CA LYS D 51 -8.62 -6.78 -9.85
C LYS D 51 -7.58 -5.67 -9.67
N PHE D 52 -6.33 -6.09 -9.65
CA PHE D 52 -5.21 -5.17 -9.45
C PHE D 52 -4.39 -4.97 -10.71
N THR D 53 -4.34 -5.98 -11.56
CA THR D 53 -3.50 -5.92 -12.76
C THR D 53 -4.25 -5.55 -14.05
N GLU D 54 -5.54 -5.76 -14.09
CA GLU D 54 -6.32 -5.44 -15.30
C GLU D 54 -7.69 -4.89 -14.98
N PRO D 55 -7.75 -3.87 -14.11
CA PRO D 55 -9.05 -3.30 -13.76
C PRO D 55 -9.58 -2.40 -14.87
N VAL D 56 -9.35 -2.78 -16.14
CA VAL D 56 -9.82 -1.97 -17.24
C VAL D 56 -11.28 -2.25 -17.56
N LYS D 57 -11.99 -1.24 -18.04
CA LYS D 57 -13.38 -1.38 -18.40
C LYS D 57 -13.52 -2.26 -19.64
N ASP D 58 -12.89 -1.86 -20.73
CA ASP D 58 -12.94 -2.67 -21.94
C ASP D 58 -11.82 -3.67 -21.86
N LEU D 59 -12.13 -4.92 -22.14
CA LEU D 59 -11.15 -5.98 -22.07
C LEU D 59 -9.99 -5.83 -23.07
N MET D 60 -8.77 -5.98 -22.57
CA MET D 60 -7.60 -5.91 -23.43
C MET D 60 -7.05 -7.32 -23.55
N LEU D 61 -6.73 -7.73 -24.77
CA LEU D 61 -6.19 -9.05 -25.03
C LEU D 61 -4.73 -8.96 -25.42
N LYS D 62 -3.89 -9.66 -24.67
CA LYS D 62 -2.47 -9.70 -24.90
C LYS D 62 -2.24 -10.14 -26.35
N GLY D 63 -1.49 -9.36 -27.13
CA GLY D 63 -1.23 -9.75 -28.51
C GLY D 63 -1.94 -8.89 -29.53
N ALA D 64 -3.04 -8.27 -29.12
CA ALA D 64 -3.83 -7.38 -29.97
C ALA D 64 -3.44 -5.96 -29.58
N PRO D 65 -3.66 -4.98 -30.48
CA PRO D 65 -3.33 -3.57 -30.23
C PRO D 65 -3.93 -3.08 -28.92
N ALA D 66 -3.09 -2.57 -28.05
CA ALA D 66 -3.52 -2.06 -26.77
C ALA D 66 -4.54 -0.97 -27.00
N LEU D 67 -4.28 -0.14 -27.99
CA LEU D 67 -5.18 0.95 -28.33
C LEU D 67 -5.42 0.88 -29.82
N ASN D 68 -6.68 0.93 -30.23
CA ASN D 68 -6.97 0.86 -31.66
C ASN D 68 -7.51 2.18 -32.20
#